data_7D0U
#
_entry.id   7D0U
#
_cell.length_a   58.897
_cell.length_b   128.581
_cell.length_c   148.938
_cell.angle_alpha   90.000
_cell.angle_beta   90.000
_cell.angle_gamma   90.000
#
_symmetry.space_group_name_H-M   'P 21 21 21'
#
loop_
_entity.id
_entity.type
_entity.pdbx_description
1 polymer 'Bifunctional cytochrome P450/NADPH--P450 reductase'
2 non-polymer 'PROTOPORPHYRIN IX CONTAINING FE'
3 non-polymer '(2S)-2-[[(2S)-1-heptylpyrrolidin-2-yl]carbonylamino]-3-phenyl-propanoic acid'
4 non-polymer ETHANAMINE
5 non-polymer GLYCEROL
6 water water
#
_entity_poly.entity_id   1
_entity_poly.type   'polypeptide(L)'
_entity_poly.pdbx_seq_one_letter_code
;MTIKEMPQPKTFGELKNLPLLNTDKPVQALMKIADELGEIFKFEAPGRVTRYLSSQRLIKEACDESRFDKNLSQALKFVR
DFAGDGLFTSWTHEKNWKKAHNILLPSFSQQAMKGYHAMMVDIAVQLVQKWERLNADEHIEVPEDMTRLTLDTIGLCGFN
YRFNSFYRDQPHPFITSMVRALDEAMNKLQRANPDDPAYDENKRQFQEDIKVMNDLVDKIIADRKASGEQSDDLLTHMLN
GKDPETGEPLDDENIRYQIITFLIAGHETTSGLLSFALYFLVKNPHVLQKAAEEAARVLVDPVPSYKQVKQLKYVGMVLN
EALRLWPTAPAFSLYAKEDTVLGGEYPLEKGDELMVLIPQLHRDKTIWGDDVEEFRPERFENPSAIPQHAFKPFGNGQRA
CIGQQFALHEATLVLGMMLKHFDFEDHTNYELDIKETLTLKPEGFVVKAKSKKIPL
;
_entity_poly.pdbx_strand_id   A,B
#
# COMPACT_ATOMS: atom_id res chain seq x y z
N ILE A 3 31.91 -30.76 41.95
CA ILE A 3 30.80 -31.48 41.20
C ILE A 3 29.45 -31.22 41.91
N LYS A 4 28.71 -30.20 41.45
CA LYS A 4 27.41 -29.72 42.01
C LYS A 4 26.23 -30.40 41.31
N GLU A 5 25.11 -30.54 42.03
CA GLU A 5 23.81 -30.90 41.43
C GLU A 5 23.10 -29.64 40.91
N MET A 6 22.60 -29.78 39.69
CA MET A 6 21.93 -28.71 38.92
C MET A 6 20.54 -28.40 39.44
N PRO A 7 20.17 -27.13 39.67
CA PRO A 7 18.77 -26.80 39.97
C PRO A 7 17.85 -27.12 38.78
N GLN A 8 16.57 -27.28 39.08
CA GLN A 8 15.53 -27.65 38.10
C GLN A 8 14.23 -26.97 38.51
N PRO A 9 13.49 -26.35 37.58
CA PRO A 9 12.25 -25.64 37.92
C PRO A 9 11.14 -26.65 38.22
N LYS A 10 9.99 -26.13 38.59
CA LYS A 10 8.87 -26.96 39.12
C LYS A 10 8.37 -27.93 38.05
N THR A 11 7.92 -29.12 38.48
CA THR A 11 7.52 -30.26 37.62
C THR A 11 6.01 -30.51 37.73
N PHE A 12 5.51 -31.22 36.73
CA PHE A 12 4.07 -31.51 36.51
C PHE A 12 3.92 -33.02 36.32
N GLY A 13 4.41 -33.77 37.29
CA GLY A 13 4.30 -35.24 37.24
C GLY A 13 4.98 -35.76 35.98
N GLU A 14 4.29 -36.60 35.22
CA GLU A 14 4.85 -37.34 34.06
C GLU A 14 5.29 -36.34 32.96
N LEU A 15 4.72 -35.13 32.96
CA LEU A 15 5.05 -34.07 31.94
C LEU A 15 6.34 -33.33 32.35
N LYS A 16 6.89 -33.61 33.52
CA LYS A 16 8.17 -33.03 34.00
C LYS A 16 8.05 -31.52 33.86
N ASN A 17 8.95 -30.84 33.13
CA ASN A 17 8.94 -29.36 33.05
C ASN A 17 8.13 -28.86 31.85
N LEU A 18 7.60 -29.75 31.00
CA LEU A 18 7.07 -29.31 29.68
C LEU A 18 5.99 -28.23 29.82
N PRO A 19 5.00 -28.33 30.77
CA PRO A 19 3.95 -27.31 30.87
C PRO A 19 4.45 -25.89 31.14
N LEU A 20 5.68 -25.70 31.59
CA LEU A 20 6.26 -24.34 31.77
C LEU A 20 6.33 -23.62 30.42
N LEU A 21 6.38 -24.34 29.31
CA LEU A 21 6.48 -23.69 27.97
C LEU A 21 5.09 -23.54 27.36
N ASN A 22 4.04 -23.95 28.07
CA ASN A 22 2.64 -23.74 27.59
C ASN A 22 2.24 -22.29 27.90
N THR A 23 2.80 -21.35 27.13
CA THR A 23 2.63 -19.89 27.28
C THR A 23 2.93 -19.26 25.92
N ASP A 24 2.39 -18.07 25.64
CA ASP A 24 2.72 -17.37 24.37
C ASP A 24 4.09 -16.71 24.54
N LYS A 25 4.67 -16.73 25.74
CA LYS A 25 6.01 -16.08 25.95
C LYS A 25 6.99 -17.00 26.63
N PRO A 26 7.40 -18.11 25.98
CA PRO A 26 8.24 -19.09 26.65
C PRO A 26 9.67 -18.59 26.93
N VAL A 27 10.26 -17.75 26.07
CA VAL A 27 11.65 -17.25 26.31
C VAL A 27 11.62 -16.37 27.56
N GLN A 28 10.60 -15.51 27.67
CA GLN A 28 10.48 -14.62 28.84
C GLN A 28 10.20 -15.46 30.10
N ALA A 29 9.46 -16.57 30.01
CA ALA A 29 9.29 -17.52 31.14
C ALA A 29 10.64 -18.12 31.54
N LEU A 30 11.45 -18.56 30.57
CA LEU A 30 12.76 -19.17 30.86
C LEU A 30 13.70 -18.13 31.47
N MET A 31 13.62 -16.87 31.04
CA MET A 31 14.39 -15.77 31.66
C MET A 31 14.05 -15.62 33.15
N LYS A 32 12.76 -15.66 33.52
CA LYS A 32 12.33 -15.56 34.94
C LYS A 32 12.84 -16.77 35.72
N ILE A 33 12.82 -17.97 35.14
CA ILE A 33 13.38 -19.18 35.78
C ILE A 33 14.88 -18.98 35.99
N ALA A 34 15.60 -18.42 35.00
CA ALA A 34 17.06 -18.21 35.13
C ALA A 34 17.34 -17.20 36.24
N ASP A 35 16.52 -16.18 36.37
CA ASP A 35 16.69 -15.19 37.48
C ASP A 35 16.54 -15.84 38.87
N GLU A 36 15.68 -16.85 39.00
N GLU A 36 15.71 -16.88 38.99
CA GLU A 36 15.42 -17.58 40.27
CA GLU A 36 15.45 -17.56 40.29
C GLU A 36 16.52 -18.62 40.50
C GLU A 36 16.48 -18.67 40.52
N LEU A 37 16.89 -19.41 39.49
CA LEU A 37 17.74 -20.62 39.66
C LEU A 37 19.21 -20.31 39.40
N GLY A 38 19.53 -19.30 38.61
CA GLY A 38 20.92 -18.88 38.39
C GLY A 38 21.45 -19.32 37.04
N GLU A 39 22.75 -19.55 36.98
CA GLU A 39 23.50 -19.54 35.70
C GLU A 39 23.25 -20.84 34.93
N ILE A 40 22.71 -21.88 35.57
CA ILE A 40 22.43 -23.16 34.88
C ILE A 40 21.25 -23.87 35.54
N PHE A 41 20.34 -24.41 34.72
CA PHE A 41 19.26 -25.29 35.22
C PHE A 41 18.92 -26.34 34.19
N LYS A 42 18.44 -27.47 34.72
CA LYS A 42 18.05 -28.66 33.97
C LYS A 42 16.60 -28.43 33.58
N PHE A 43 16.24 -28.84 32.38
CA PHE A 43 14.84 -28.74 31.93
C PHE A 43 14.50 -30.08 31.29
N GLU A 44 13.50 -30.79 31.81
CA GLU A 44 13.15 -32.15 31.33
C GLU A 44 11.76 -32.11 30.72
N ALA A 45 11.59 -32.81 29.60
CA ALA A 45 10.29 -33.14 28.97
C ALA A 45 10.24 -34.65 28.74
N PRO A 46 9.05 -35.24 28.48
CA PRO A 46 8.96 -36.66 28.13
C PRO A 46 9.98 -36.92 27.02
N GLY A 47 10.99 -37.73 27.34
CA GLY A 47 11.94 -38.23 26.33
C GLY A 47 13.13 -37.31 26.06
N ARG A 48 13.27 -36.16 26.76
N ARG A 48 13.21 -36.13 26.72
CA ARG A 48 14.39 -35.26 26.44
CA ARG A 48 14.22 -35.08 26.43
C ARG A 48 14.77 -34.40 27.65
C ARG A 48 14.78 -34.48 27.74
N VAL A 49 16.05 -34.08 27.70
CA VAL A 49 16.67 -33.20 28.73
C VAL A 49 17.54 -32.17 28.02
N THR A 50 17.48 -30.92 28.48
CA THR A 50 18.46 -29.90 28.08
C THR A 50 18.87 -29.12 29.33
N ARG A 51 19.92 -28.32 29.22
CA ARG A 51 20.37 -27.44 30.32
C ARG A 51 20.46 -26.02 29.78
N TYR A 52 19.84 -25.07 30.46
CA TYR A 52 19.81 -23.65 30.05
C TYR A 52 20.96 -22.94 30.74
N LEU A 53 21.83 -22.31 29.95
CA LEU A 53 22.99 -21.54 30.41
C LEU A 53 22.70 -20.05 30.32
N SER A 54 23.06 -19.31 31.36
CA SER A 54 22.83 -17.85 31.48
C SER A 54 24.07 -17.03 31.82
N SER A 55 25.18 -17.64 32.24
CA SER A 55 26.34 -16.87 32.75
C SER A 55 27.40 -16.85 31.65
N GLN A 56 28.14 -15.74 31.54
CA GLN A 56 29.31 -15.69 30.64
C GLN A 56 30.31 -16.74 31.10
N ARG A 57 30.42 -16.98 32.41
CA ARG A 57 31.40 -17.97 32.95
C ARG A 57 31.17 -19.32 32.28
N LEU A 58 29.93 -19.78 32.11
CA LEU A 58 29.69 -21.10 31.50
C LEU A 58 29.60 -21.00 29.98
N ILE A 59 29.01 -19.94 29.46
CA ILE A 59 28.81 -19.81 27.99
C ILE A 59 30.19 -19.69 27.30
N LYS A 60 31.16 -19.03 27.90
CA LYS A 60 32.50 -18.95 27.23
C LYS A 60 33.02 -20.35 26.99
N GLU A 61 32.69 -21.32 27.85
CA GLU A 61 33.12 -22.73 27.67
C GLU A 61 32.27 -23.39 26.58
N ALA A 62 30.98 -23.13 26.58
CA ALA A 62 30.04 -23.73 25.62
C ALA A 62 30.44 -23.27 24.20
N CYS A 63 31.02 -22.08 24.08
CA CYS A 63 31.41 -21.49 22.77
C CYS A 63 32.75 -22.08 22.27
N ASP A 64 33.34 -23.04 22.99
CA ASP A 64 34.56 -23.76 22.56
C ASP A 64 34.18 -24.81 21.51
N GLU A 65 34.50 -24.56 20.25
CA GLU A 65 34.07 -25.42 19.12
C GLU A 65 34.79 -26.77 19.17
N SER A 66 35.89 -26.90 19.93
CA SER A 66 36.55 -28.22 20.08
C SER A 66 35.70 -29.11 20.99
N ARG A 67 34.85 -28.54 21.83
CA ARG A 67 34.06 -29.28 22.84
C ARG A 67 32.57 -29.38 22.47
N PHE A 68 32.03 -28.36 21.79
CA PHE A 68 30.57 -28.25 21.52
C PHE A 68 30.35 -27.83 20.07
N ASP A 69 29.33 -28.39 19.43
CA ASP A 69 28.88 -28.05 18.05
C ASP A 69 27.42 -27.62 18.12
N LYS A 70 26.93 -26.96 17.07
CA LYS A 70 25.51 -26.53 16.96
C LYS A 70 24.61 -27.77 17.02
N ASN A 71 23.60 -27.68 17.88
CA ASN A 71 22.49 -28.67 17.92
C ASN A 71 21.27 -28.04 17.25
N LEU A 72 20.44 -28.83 16.56
CA LEU A 72 19.10 -28.35 16.15
C LEU A 72 18.18 -28.54 17.37
N SER A 73 17.82 -27.43 18.00
CA SER A 73 16.74 -27.36 19.00
C SER A 73 15.47 -27.94 18.38
N GLN A 74 14.44 -28.24 19.20
CA GLN A 74 13.17 -28.75 18.66
C GLN A 74 12.56 -27.70 17.71
N ALA A 75 12.68 -26.42 18.07
CA ALA A 75 12.21 -25.32 17.21
C ALA A 75 12.84 -25.44 15.81
N LEU A 76 14.16 -25.60 15.74
N LEU A 76 14.16 -25.60 15.73
CA LEU A 76 14.84 -25.68 14.42
CA LEU A 76 14.81 -25.66 14.40
C LEU A 76 14.42 -26.98 13.69
C LEU A 76 14.45 -26.98 13.68
N LYS A 77 14.23 -28.11 14.39
CA LYS A 77 13.82 -29.37 13.70
C LYS A 77 12.45 -29.19 13.02
N PHE A 78 11.53 -28.46 13.66
CA PHE A 78 10.18 -28.14 13.13
C PHE A 78 10.28 -27.14 11.97
N VAL A 79 11.20 -26.16 12.06
CA VAL A 79 11.46 -25.19 10.96
C VAL A 79 12.10 -25.92 9.78
N ARG A 80 12.91 -26.94 10.04
CA ARG A 80 13.55 -27.78 8.98
C ARG A 80 12.49 -28.44 8.07
N ASP A 81 11.27 -28.68 8.51
CA ASP A 81 10.21 -29.22 7.61
C ASP A 81 9.97 -28.28 6.43
N PHE A 82 10.26 -26.97 6.53
CA PHE A 82 10.17 -26.07 5.35
C PHE A 82 11.53 -25.42 5.00
N ALA A 83 12.51 -25.34 5.90
CA ALA A 83 13.82 -24.71 5.59
C ALA A 83 14.88 -25.77 5.22
N GLY A 84 14.52 -27.05 5.32
CA GLY A 84 15.34 -28.17 4.81
C GLY A 84 16.76 -28.12 5.32
N ASP A 85 17.70 -28.41 4.41
CA ASP A 85 19.14 -28.41 4.75
C ASP A 85 19.70 -27.10 4.23
N GLY A 86 18.92 -26.02 4.34
CA GLY A 86 19.46 -24.65 4.30
C GLY A 86 20.46 -24.44 5.41
N LEU A 87 21.25 -23.35 5.37
CA LEU A 87 22.38 -23.18 6.33
C LEU A 87 21.88 -23.20 7.77
N PHE A 88 20.70 -22.64 8.03
CA PHE A 88 20.23 -22.38 9.42
C PHE A 88 19.76 -23.67 10.10
N THR A 89 19.24 -24.62 9.32
CA THR A 89 18.66 -25.87 9.86
C THR A 89 19.44 -27.11 9.43
N SER A 90 20.69 -26.95 8.97
N SER A 90 20.69 -26.93 8.98
CA SER A 90 21.61 -28.06 8.66
CA SER A 90 21.66 -27.99 8.65
C SER A 90 22.51 -28.38 9.85
C SER A 90 22.48 -28.38 9.88
N TRP A 91 22.87 -29.66 9.96
CA TRP A 91 23.92 -30.11 10.90
C TRP A 91 25.27 -29.76 10.25
N THR A 92 26.25 -29.42 11.06
CA THR A 92 27.63 -29.05 10.64
C THR A 92 28.20 -30.21 9.81
N HIS A 93 27.85 -31.45 10.15
CA HIS A 93 28.41 -32.65 9.47
C HIS A 93 27.71 -33.00 8.15
N GLU A 94 26.60 -32.36 7.79
CA GLU A 94 25.92 -32.63 6.50
C GLU A 94 26.72 -31.97 5.39
N LYS A 95 26.96 -32.72 4.31
CA LYS A 95 27.72 -32.24 3.12
C LYS A 95 27.24 -30.84 2.71
N ASN A 96 25.92 -30.60 2.71
CA ASN A 96 25.38 -29.33 2.16
C ASN A 96 25.64 -28.14 3.09
N TRP A 97 25.99 -28.34 4.35
CA TRP A 97 26.30 -27.19 5.25
C TRP A 97 27.60 -26.53 4.75
N LYS A 98 28.70 -27.29 4.72
CA LYS A 98 30.03 -26.71 4.39
C LYS A 98 29.99 -26.26 2.94
N LYS A 99 29.31 -27.00 2.06
CA LYS A 99 29.28 -26.63 0.63
C LYS A 99 28.60 -25.26 0.46
N ALA A 100 27.39 -25.10 1.00
CA ALA A 100 26.60 -23.85 0.93
C ALA A 100 27.38 -22.75 1.66
N HIS A 101 27.98 -23.05 2.81
CA HIS A 101 28.78 -22.08 3.58
C HIS A 101 29.91 -21.56 2.70
N ASN A 102 30.65 -22.44 2.02
CA ASN A 102 31.80 -21.98 1.19
C ASN A 102 31.29 -21.15 0.02
N ILE A 103 30.19 -21.55 -0.61
CA ILE A 103 29.61 -20.87 -1.80
C ILE A 103 29.08 -19.50 -1.38
N LEU A 104 28.42 -19.40 -0.23
CA LEU A 104 27.66 -18.17 0.10
C LEU A 104 28.48 -17.15 0.89
N LEU A 105 29.58 -17.53 1.55
CA LEU A 105 30.37 -16.60 2.38
C LEU A 105 30.78 -15.34 1.61
N PRO A 106 31.28 -15.46 0.36
CA PRO A 106 31.63 -14.25 -0.39
C PRO A 106 30.41 -13.35 -0.66
N SER A 107 29.21 -13.88 -0.77
CA SER A 107 27.98 -13.08 -1.05
CA SER A 107 28.03 -13.02 -1.08
C SER A 107 27.55 -12.30 0.20
N PHE A 108 28.13 -12.60 1.36
CA PHE A 108 27.68 -12.02 2.67
C PHE A 108 28.74 -11.19 3.32
N SER A 109 29.85 -11.00 2.61
CA SER A 109 30.98 -10.22 3.19
C SER A 109 30.71 -8.72 3.18
N GLN A 110 31.48 -8.02 4.00
CA GLN A 110 31.50 -6.53 4.02
C GLN A 110 31.69 -6.04 2.57
N GLN A 111 32.53 -6.68 1.75
CA GLN A 111 32.75 -6.28 0.33
C GLN A 111 31.45 -6.36 -0.47
N ALA A 112 30.69 -7.45 -0.34
CA ALA A 112 29.45 -7.71 -1.09
C ALA A 112 28.40 -6.66 -0.75
N MET A 113 28.50 -6.05 0.42
CA MET A 113 27.49 -5.09 0.90
C MET A 113 27.53 -3.87 -0.03
N LYS A 114 28.70 -3.56 -0.62
CA LYS A 114 28.76 -2.40 -1.55
C LYS A 114 27.81 -2.64 -2.71
N GLY A 115 27.72 -3.89 -3.19
CA GLY A 115 26.83 -4.25 -4.30
C GLY A 115 25.36 -4.21 -3.88
N TYR A 116 25.03 -4.48 -2.60
CA TYR A 116 23.60 -4.57 -2.15
C TYR A 116 23.07 -3.19 -1.74
N HIS A 117 23.97 -2.25 -1.52
CA HIS A 117 23.67 -0.95 -0.90
C HIS A 117 22.53 -0.25 -1.66
N ALA A 118 22.64 -0.11 -2.99
CA ALA A 118 21.66 0.63 -3.83
C ALA A 118 20.24 0.05 -3.66
N MET A 119 20.13 -1.28 -3.63
N MET A 119 20.08 -1.25 -3.59
CA MET A 119 18.85 -2.02 -3.40
CA MET A 119 18.71 -1.79 -3.43
C MET A 119 18.35 -1.66 -1.99
C MET A 119 18.29 -1.74 -1.95
N MET A 120 19.22 -1.67 -0.98
CA MET A 120 18.80 -1.36 0.41
C MET A 120 18.27 0.08 0.46
N VAL A 121 18.97 0.99 -0.23
CA VAL A 121 18.54 2.41 -0.24
C VAL A 121 17.16 2.53 -0.91
N ASP A 122 16.88 1.76 -1.96
CA ASP A 122 15.58 1.76 -2.68
C ASP A 122 14.46 1.52 -1.66
N ILE A 123 14.58 0.47 -0.86
CA ILE A 123 13.54 0.16 0.15
C ILE A 123 13.54 1.22 1.29
N ALA A 124 14.70 1.64 1.78
CA ALA A 124 14.79 2.63 2.88
C ALA A 124 14.11 3.93 2.45
N VAL A 125 14.31 4.33 1.20
CA VAL A 125 13.67 5.57 0.68
C VAL A 125 12.16 5.36 0.68
N GLN A 126 11.65 4.18 0.32
CA GLN A 126 10.18 3.90 0.39
C GLN A 126 9.65 4.08 1.81
N LEU A 127 10.39 3.65 2.84
CA LEU A 127 9.93 3.82 4.23
C LEU A 127 9.89 5.32 4.59
N VAL A 128 10.95 6.06 4.29
CA VAL A 128 11.01 7.50 4.60
C VAL A 128 9.85 8.25 3.88
N GLN A 129 9.59 7.93 2.62
CA GLN A 129 8.49 8.60 1.86
C GLN A 129 7.14 8.23 2.47
N LYS A 130 6.91 6.98 2.88
CA LYS A 130 5.66 6.59 3.57
C LYS A 130 5.42 7.53 4.78
N TRP A 131 6.44 7.70 5.62
CA TRP A 131 6.32 8.46 6.88
C TRP A 131 6.19 9.97 6.56
N GLU A 132 6.85 10.45 5.52
CA GLU A 132 6.75 11.86 5.07
C GLU A 132 5.30 12.16 4.68
N ARG A 133 4.57 11.15 4.22
CA ARG A 133 3.24 11.31 3.60
C ARG A 133 2.14 11.08 4.62
N LEU A 134 2.48 10.81 5.89
CA LEU A 134 1.42 10.64 6.90
C LEU A 134 0.84 12.03 7.18
N ASN A 135 -0.45 12.05 7.46
CA ASN A 135 -1.18 13.28 7.91
C ASN A 135 -0.90 13.55 9.39
N ALA A 136 -1.12 14.79 9.81
CA ALA A 136 -0.80 15.33 11.16
C ALA A 136 -1.35 14.43 12.28
N ASP A 137 -2.52 13.86 12.08
CA ASP A 137 -3.27 13.10 13.11
C ASP A 137 -2.72 11.67 13.23
N GLU A 138 -1.68 11.30 12.47
CA GLU A 138 -1.45 9.85 12.22
C GLU A 138 -0.23 9.38 13.02
N HIS A 139 -0.17 8.07 13.27
CA HIS A 139 0.98 7.44 13.94
C HIS A 139 1.54 6.34 13.04
N ILE A 140 2.67 5.81 13.51
CA ILE A 140 3.47 4.73 12.87
C ILE A 140 3.32 3.45 13.70
N GLU A 141 2.99 2.34 13.03
CA GLU A 141 3.02 0.98 13.60
C GLU A 141 4.44 0.46 13.37
N VAL A 142 5.29 0.55 14.39
CA VAL A 142 6.76 0.40 14.20
C VAL A 142 7.13 -0.99 13.71
N PRO A 143 6.87 -2.12 14.42
CA PRO A 143 7.29 -3.43 13.92
C PRO A 143 6.65 -3.77 12.57
N GLU A 144 5.38 -3.37 12.35
CA GLU A 144 4.71 -3.55 11.04
C GLU A 144 5.57 -2.92 9.92
N ASP A 145 5.95 -1.65 10.05
CA ASP A 145 6.72 -0.93 9.01
C ASP A 145 8.15 -1.49 8.93
N MET A 146 8.75 -1.89 10.05
CA MET A 146 10.14 -2.43 9.99
C MET A 146 10.10 -3.77 9.27
N THR A 147 9.04 -4.55 9.44
CA THR A 147 8.89 -5.86 8.79
C THR A 147 8.66 -5.65 7.30
N ARG A 148 7.83 -4.67 6.93
CA ARG A 148 7.67 -4.31 5.50
C ARG A 148 9.05 -4.06 4.90
N LEU A 149 9.86 -3.25 5.57
CA LEU A 149 11.19 -2.87 5.05
C LEU A 149 12.11 -4.10 4.94
N THR A 150 12.28 -4.88 6.02
CA THR A 150 13.33 -5.92 6.02
C THR A 150 12.96 -7.08 5.10
N LEU A 151 11.67 -7.45 5.01
CA LEU A 151 11.25 -8.47 4.02
C LEU A 151 11.57 -7.92 2.61
N ASP A 152 11.21 -6.68 2.30
CA ASP A 152 11.38 -6.16 0.93
C ASP A 152 12.88 -6.13 0.58
N THR A 153 13.74 -5.81 1.53
CA THR A 153 15.20 -5.66 1.25
C THR A 153 15.76 -7.03 0.89
N ILE A 154 15.43 -8.06 1.67
CA ILE A 154 15.98 -9.41 1.37
C ILE A 154 15.34 -9.92 0.06
N GLY A 155 14.09 -9.61 -0.24
CA GLY A 155 13.50 -10.04 -1.51
C GLY A 155 14.26 -9.46 -2.69
N LEU A 156 14.60 -8.18 -2.61
CA LEU A 156 15.27 -7.48 -3.74
C LEU A 156 16.74 -7.93 -3.83
N CYS A 157 17.47 -8.01 -2.70
CA CYS A 157 18.88 -8.47 -2.68
C CYS A 157 18.99 -9.99 -2.79
N GLY A 158 17.98 -10.71 -2.34
CA GLY A 158 17.92 -12.18 -2.43
C GLY A 158 17.76 -12.63 -3.87
N PHE A 159 16.69 -12.22 -4.56
CA PHE A 159 16.34 -12.82 -5.85
C PHE A 159 15.67 -11.76 -6.76
N ASN A 160 15.94 -10.47 -6.52
CA ASN A 160 15.45 -9.36 -7.40
C ASN A 160 13.92 -9.47 -7.51
N TYR A 161 13.25 -9.76 -6.41
CA TYR A 161 11.79 -9.88 -6.36
C TYR A 161 11.26 -8.76 -5.46
N ARG A 162 10.29 -8.00 -5.95
CA ARG A 162 9.62 -6.95 -5.14
C ARG A 162 8.36 -7.49 -4.46
N PHE A 163 8.41 -7.65 -3.15
CA PHE A 163 7.20 -8.01 -2.35
C PHE A 163 6.23 -6.80 -2.32
N ASN A 164 6.74 -5.58 -2.54
CA ASN A 164 5.92 -4.34 -2.58
C ASN A 164 5.09 -4.26 -1.30
N SER A 165 5.71 -4.49 -0.15
CA SER A 165 5.02 -4.49 1.15
C SER A 165 4.47 -3.10 1.50
N PHE A 166 5.08 -2.01 1.02
CA PHE A 166 4.54 -0.65 1.32
C PHE A 166 3.31 -0.32 0.47
N TYR A 167 2.91 -1.20 -0.45
CA TYR A 167 1.70 -1.04 -1.31
C TYR A 167 0.53 -1.86 -0.76
N ARG A 168 0.70 -2.50 0.39
CA ARG A 168 -0.25 -3.53 0.91
C ARG A 168 -0.59 -3.29 2.38
N ASP A 169 -1.84 -3.58 2.75
CA ASP A 169 -2.25 -3.83 4.17
C ASP A 169 -2.04 -5.31 4.46
N GLN A 170 -2.45 -6.14 3.52
CA GLN A 170 -2.48 -7.62 3.59
C GLN A 170 -1.16 -8.17 3.04
N PRO A 171 -0.38 -8.96 3.82
CA PRO A 171 0.89 -9.50 3.32
C PRO A 171 0.72 -10.27 2.01
N HIS A 172 1.76 -10.22 1.18
CA HIS A 172 1.92 -11.09 -0.01
C HIS A 172 1.54 -12.53 0.37
N PRO A 173 0.91 -13.34 -0.53
CA PRO A 173 0.55 -14.74 -0.21
C PRO A 173 1.66 -15.70 0.25
N PHE A 174 2.89 -15.52 -0.25
CA PHE A 174 4.05 -16.29 0.22
C PHE A 174 4.23 -16.04 1.73
N ILE A 175 4.07 -14.78 2.13
CA ILE A 175 4.35 -14.30 3.53
C ILE A 175 3.28 -14.87 4.46
N THR A 176 2.01 -14.87 4.04
N THR A 176 1.99 -14.82 4.07
CA THR A 176 0.90 -15.42 4.85
CA THR A 176 0.87 -15.45 4.84
C THR A 176 1.23 -16.90 5.10
C THR A 176 1.25 -16.91 5.13
N SER A 177 1.72 -17.65 4.11
CA SER A 177 2.09 -19.07 4.25
C SER A 177 3.33 -19.23 5.18
N MET A 178 4.35 -18.37 5.02
CA MET A 178 5.60 -18.50 5.80
C MET A 178 5.32 -18.21 7.27
N VAL A 179 4.56 -17.15 7.54
CA VAL A 179 4.20 -16.74 8.91
C VAL A 179 3.37 -17.88 9.54
N ARG A 180 2.41 -18.45 8.81
CA ARG A 180 1.57 -19.56 9.37
C ARG A 180 2.41 -20.84 9.61
N ALA A 181 3.38 -21.16 8.75
CA ALA A 181 4.28 -22.32 8.96
C ALA A 181 5.16 -22.08 10.21
N LEU A 182 5.67 -20.86 10.38
CA LEU A 182 6.52 -20.51 11.55
C LEU A 182 5.66 -20.62 12.81
N ASP A 183 4.40 -20.22 12.75
CA ASP A 183 3.48 -20.27 13.92
C ASP A 183 3.23 -21.72 14.30
N GLU A 184 3.00 -22.59 13.32
CA GLU A 184 2.74 -24.03 13.56
C GLU A 184 4.01 -24.69 14.11
N ALA A 185 5.18 -24.40 13.55
CA ALA A 185 6.45 -24.94 14.09
C ALA A 185 6.60 -24.55 15.57
N MET A 186 6.41 -23.29 15.90
CA MET A 186 6.62 -22.84 17.30
C MET A 186 5.50 -23.38 18.22
N ASN A 187 4.29 -23.52 17.70
N ASN A 187 4.28 -23.52 17.70
CA ASN A 187 3.14 -24.02 18.53
CA ASN A 187 3.13 -24.02 18.51
C ASN A 187 3.33 -25.52 18.81
C ASN A 187 3.32 -25.52 18.81
N LYS A 188 3.89 -26.27 17.86
CA LYS A 188 4.08 -27.75 17.96
C LYS A 188 4.93 -28.09 19.18
N LEU A 189 5.83 -27.18 19.57
CA LEU A 189 6.73 -27.30 20.74
C LEU A 189 5.95 -27.56 22.04
N GLN A 190 4.77 -26.97 22.18
CA GLN A 190 4.12 -26.88 23.52
C GLN A 190 3.25 -28.11 23.79
N ARG A 191 2.92 -28.85 22.73
CA ARG A 191 1.95 -29.98 22.76
C ARG A 191 2.53 -31.17 23.56
N ALA A 192 2.00 -31.41 24.75
CA ALA A 192 2.21 -32.68 25.51
C ALA A 192 1.70 -33.83 24.65
N ASN A 193 0.52 -33.67 24.03
CA ASN A 193 -0.16 -34.74 23.23
C ASN A 193 -0.23 -34.32 21.76
N PRO A 194 0.87 -34.44 20.97
CA PRO A 194 0.91 -33.94 19.59
C PRO A 194 0.07 -34.65 18.52
N ASP A 195 -0.14 -35.96 18.67
CA ASP A 195 -0.75 -36.84 17.63
C ASP A 195 -2.28 -36.86 17.78
N ASP A 196 -2.82 -36.17 18.79
CA ASP A 196 -4.29 -35.96 19.02
C ASP A 196 -4.93 -35.60 17.68
N PRO A 197 -6.23 -35.89 17.46
CA PRO A 197 -6.93 -35.43 16.24
C PRO A 197 -7.38 -33.96 16.25
N ALA A 198 -7.39 -33.31 17.42
CA ALA A 198 -7.63 -31.86 17.62
C ALA A 198 -6.55 -31.02 16.93
N TYR A 199 -5.44 -31.64 16.53
CA TYR A 199 -4.31 -31.00 15.80
C TYR A 199 -4.27 -31.46 14.33
N ASP A 200 -5.35 -32.06 13.81
CA ASP A 200 -5.34 -32.68 12.44
C ASP A 200 -5.49 -31.58 11.38
N GLU A 201 -6.19 -30.49 11.68
CA GLU A 201 -6.41 -29.35 10.75
C GLU A 201 -5.07 -28.62 10.55
N ASN A 202 -4.42 -28.31 11.68
CA ASN A 202 -3.07 -27.69 11.77
C ASN A 202 -2.08 -28.40 10.84
N LYS A 203 -2.03 -29.73 10.90
CA LYS A 203 -1.09 -30.54 10.08
C LYS A 203 -1.46 -30.42 8.60
N ARG A 204 -2.74 -30.31 8.27
CA ARG A 204 -3.23 -30.23 6.86
C ARG A 204 -2.80 -28.88 6.28
N GLN A 205 -2.93 -27.81 7.07
CA GLN A 205 -2.64 -26.39 6.70
C GLN A 205 -1.13 -26.20 6.46
N PHE A 206 -0.32 -26.79 7.34
CA PHE A 206 1.16 -26.78 7.26
C PHE A 206 1.60 -27.29 5.88
N GLN A 207 1.00 -28.38 5.40
CA GLN A 207 1.40 -29.01 4.11
C GLN A 207 1.04 -28.09 2.95
N GLU A 208 -0.14 -27.45 2.99
CA GLU A 208 -0.52 -26.43 1.97
C GLU A 208 0.47 -25.25 2.01
N ASP A 209 0.90 -24.81 3.20
CA ASP A 209 1.78 -23.63 3.34
C ASP A 209 3.17 -23.95 2.78
N ILE A 210 3.68 -25.13 3.09
CA ILE A 210 4.96 -25.62 2.53
C ILE A 210 4.85 -25.63 0.99
N LYS A 211 3.79 -26.24 0.43
CA LYS A 211 3.58 -26.27 -1.04
C LYS A 211 3.60 -24.84 -1.61
N VAL A 212 2.95 -23.87 -0.96
CA VAL A 212 2.91 -22.46 -1.44
C VAL A 212 4.35 -21.91 -1.50
N MET A 213 5.15 -22.17 -0.46
CA MET A 213 6.48 -21.52 -0.38
C MET A 213 7.37 -22.11 -1.47
N ASN A 214 7.32 -23.43 -1.61
CA ASN A 214 8.10 -24.21 -2.60
C ASN A 214 7.73 -23.75 -4.01
N ASP A 215 6.43 -23.63 -4.30
CA ASP A 215 5.94 -23.34 -5.67
C ASP A 215 6.39 -21.93 -6.05
N LEU A 216 6.23 -20.89 -5.20
CA LEU A 216 6.73 -19.54 -5.57
C LEU A 216 8.25 -19.64 -5.76
N VAL A 217 8.95 -20.32 -4.85
CA VAL A 217 10.43 -20.22 -4.84
C VAL A 217 10.97 -21.02 -6.02
N ASP A 218 10.46 -22.23 -6.23
CA ASP A 218 10.85 -23.12 -7.37
C ASP A 218 10.59 -22.42 -8.71
N LYS A 219 9.47 -21.71 -8.84
CA LYS A 219 9.16 -20.97 -10.09
C LYS A 219 10.14 -19.80 -10.25
N ILE A 220 10.50 -19.10 -9.16
CA ILE A 220 11.49 -18.00 -9.26
C ILE A 220 12.79 -18.55 -9.84
N ILE A 221 13.26 -19.67 -9.32
CA ILE A 221 14.54 -20.31 -9.71
C ILE A 221 14.48 -20.68 -11.22
N ALA A 222 13.43 -21.43 -11.58
CA ALA A 222 13.12 -21.92 -12.95
C ALA A 222 13.08 -20.71 -13.91
N ASP A 223 12.33 -19.65 -13.56
CA ASP A 223 12.17 -18.39 -14.35
C ASP A 223 13.53 -17.73 -14.54
N ARG A 224 14.38 -17.72 -13.52
CA ARG A 224 15.71 -17.08 -13.62
C ARG A 224 16.61 -17.88 -14.56
N LYS A 225 16.62 -19.21 -14.46
CA LYS A 225 17.47 -20.08 -15.33
C LYS A 225 17.02 -19.95 -16.80
N ALA A 226 15.71 -19.86 -17.03
CA ALA A 226 15.03 -19.75 -18.34
C ALA A 226 15.47 -18.46 -19.04
N SER A 227 15.36 -17.32 -18.33
CA SER A 227 15.69 -15.98 -18.87
C SER A 227 17.21 -15.85 -19.05
N GLY A 228 18.00 -16.57 -18.25
CA GLY A 228 19.47 -16.51 -18.21
C GLY A 228 20.04 -15.17 -17.73
N GLU A 229 19.24 -14.25 -17.19
CA GLU A 229 19.77 -12.90 -16.83
C GLU A 229 20.67 -13.02 -15.60
N GLN A 230 21.63 -12.10 -15.48
CA GLN A 230 22.70 -12.10 -14.46
C GLN A 230 22.58 -10.86 -13.58
N SER A 231 21.52 -10.76 -12.76
CA SER A 231 21.39 -9.69 -11.74
C SER A 231 22.35 -10.02 -10.59
N ASP A 232 22.87 -9.01 -9.90
CA ASP A 232 23.84 -9.22 -8.78
C ASP A 232 23.02 -9.39 -7.48
N ASP A 233 22.37 -10.54 -7.38
CA ASP A 233 21.57 -10.94 -6.20
C ASP A 233 22.11 -12.29 -5.72
N LEU A 234 21.68 -12.74 -4.54
CA LEU A 234 22.12 -14.04 -3.97
C LEU A 234 21.76 -15.19 -4.92
N LEU A 235 20.63 -15.12 -5.59
CA LEU A 235 20.21 -16.22 -6.50
C LEU A 235 21.25 -16.38 -7.64
N THR A 236 21.71 -15.28 -8.24
CA THR A 236 22.73 -15.34 -9.34
C THR A 236 24.02 -16.00 -8.81
N HIS A 237 24.48 -15.60 -7.62
N HIS A 237 24.49 -15.59 -7.63
CA HIS A 237 25.70 -16.18 -6.99
CA HIS A 237 25.69 -16.18 -6.96
C HIS A 237 25.50 -17.68 -6.76
C HIS A 237 25.49 -17.70 -6.77
N MET A 238 24.30 -18.12 -6.34
CA MET A 238 24.04 -19.57 -6.04
C MET A 238 23.90 -20.38 -7.34
N LEU A 239 23.43 -19.77 -8.43
CA LEU A 239 23.31 -20.52 -9.72
C LEU A 239 24.69 -20.70 -10.34
N ASN A 240 25.59 -19.74 -10.22
CA ASN A 240 26.93 -19.73 -10.87
C ASN A 240 28.04 -20.21 -9.93
N GLY A 241 27.77 -20.32 -8.63
CA GLY A 241 28.87 -20.54 -7.66
C GLY A 241 29.28 -21.99 -7.64
N LYS A 242 30.56 -22.24 -7.43
CA LYS A 242 31.11 -23.60 -7.19
C LYS A 242 31.78 -23.60 -5.84
N ASP A 243 31.59 -24.66 -5.08
CA ASP A 243 32.33 -24.86 -3.81
C ASP A 243 33.79 -25.15 -4.13
N PRO A 244 34.78 -24.37 -3.63
CA PRO A 244 36.18 -24.65 -3.96
C PRO A 244 36.64 -26.05 -3.54
N GLU A 245 36.04 -26.66 -2.51
CA GLU A 245 36.46 -27.96 -1.92
C GLU A 245 36.05 -29.08 -2.89
N THR A 246 34.72 -29.27 -3.02
CA THR A 246 34.06 -30.29 -3.88
C THR A 246 34.10 -29.93 -5.37
N GLY A 247 34.22 -28.65 -5.77
CA GLY A 247 34.05 -28.15 -7.14
C GLY A 247 32.60 -28.20 -7.64
N GLU A 248 31.66 -28.57 -6.76
CA GLU A 248 30.25 -28.74 -7.15
C GLU A 248 29.47 -27.45 -6.85
N PRO A 249 28.41 -27.15 -7.66
CA PRO A 249 27.41 -26.15 -7.31
C PRO A 249 26.29 -26.72 -6.43
N LEU A 250 25.51 -25.82 -5.84
CA LEU A 250 24.28 -26.18 -5.10
C LEU A 250 23.26 -26.70 -6.10
N ASP A 251 22.49 -27.69 -5.70
CA ASP A 251 21.36 -28.18 -6.54
C ASP A 251 20.14 -27.27 -6.32
N ASP A 252 19.20 -27.31 -7.26
CA ASP A 252 18.04 -26.40 -7.30
C ASP A 252 17.24 -26.52 -5.99
N GLU A 253 17.11 -27.71 -5.43
CA GLU A 253 16.34 -27.92 -4.18
C GLU A 253 17.05 -27.22 -3.01
N ASN A 254 18.39 -27.26 -2.97
CA ASN A 254 19.12 -26.64 -1.84
C ASN A 254 18.99 -25.12 -1.99
N ILE A 255 19.06 -24.60 -3.22
CA ILE A 255 18.91 -23.14 -3.48
C ILE A 255 17.55 -22.72 -2.94
N ARG A 256 16.52 -23.51 -3.18
CA ARG A 256 15.18 -23.16 -2.66
C ARG A 256 15.21 -23.10 -1.12
N TYR A 257 15.81 -24.09 -0.44
CA TYR A 257 15.92 -24.04 1.04
C TYR A 257 16.71 -22.80 1.48
N GLN A 258 17.78 -22.38 0.77
CA GLN A 258 18.54 -21.18 1.15
C GLN A 258 17.63 -19.96 1.01
N ILE A 259 16.89 -19.85 -0.11
CA ILE A 259 16.01 -18.66 -0.32
C ILE A 259 14.96 -18.61 0.78
N ILE A 260 14.31 -19.72 1.09
CA ILE A 260 13.29 -19.72 2.19
C ILE A 260 13.98 -19.28 3.50
N THR A 261 15.17 -19.78 3.76
CA THR A 261 15.92 -19.45 5.00
C THR A 261 16.14 -17.93 5.07
N PHE A 262 16.56 -17.35 3.95
CA PHE A 262 16.90 -15.90 3.95
C PHE A 262 15.64 -15.07 4.12
N LEU A 263 14.50 -15.53 3.59
CA LEU A 263 13.22 -14.78 3.72
C LEU A 263 12.73 -14.85 5.18
N ILE A 264 12.87 -15.99 5.83
CA ILE A 264 12.58 -16.14 7.27
C ILE A 264 13.45 -15.13 8.04
N ALA A 265 14.76 -15.16 7.83
CA ALA A 265 15.66 -14.23 8.56
C ALA A 265 15.25 -12.76 8.34
N GLY A 266 14.96 -12.36 7.11
CA GLY A 266 14.70 -10.94 6.82
C GLY A 266 13.38 -10.48 7.44
N HIS A 267 12.38 -11.35 7.40
CA HIS A 267 11.07 -11.11 8.03
C HIS A 267 11.20 -11.00 9.55
N GLU A 268 11.95 -11.88 10.19
CA GLU A 268 11.86 -12.09 11.65
C GLU A 268 12.91 -11.28 12.44
N THR A 269 14.16 -11.19 12.00
CA THR A 269 15.25 -10.78 12.92
C THR A 269 15.55 -9.29 12.78
N THR A 270 15.88 -8.83 11.57
CA THR A 270 16.41 -7.45 11.41
C THR A 270 15.26 -6.51 11.81
N SER A 271 14.03 -6.90 11.51
CA SER A 271 12.86 -6.04 11.83
C SER A 271 12.70 -5.89 13.35
N GLY A 272 12.97 -6.95 14.10
CA GLY A 272 12.99 -6.93 15.58
C GLY A 272 14.04 -5.97 16.10
N LEU A 273 15.24 -6.06 15.56
CA LEU A 273 16.35 -5.15 15.95
C LEU A 273 15.95 -3.69 15.73
N LEU A 274 15.46 -3.33 14.54
CA LEU A 274 15.09 -1.92 14.26
C LEU A 274 14.00 -1.50 15.25
N SER A 275 13.02 -2.37 15.50
CA SER A 275 11.89 -2.04 16.38
C SER A 275 12.40 -1.79 17.82
N PHE A 276 13.22 -2.69 18.35
CA PHE A 276 13.80 -2.54 19.70
C PHE A 276 14.72 -1.32 19.75
N ALA A 277 15.46 -1.06 18.68
CA ALA A 277 16.36 0.13 18.68
C ALA A 277 15.53 1.40 18.78
N LEU A 278 14.44 1.51 18.02
CA LEU A 278 13.62 2.74 18.08
C LEU A 278 12.96 2.83 19.46
N TYR A 279 12.51 1.73 20.02
CA TYR A 279 11.92 1.67 21.37
C TYR A 279 12.93 2.28 22.37
N PHE A 280 14.18 1.82 22.34
CA PHE A 280 15.15 2.29 23.36
C PHE A 280 15.44 3.76 23.11
N LEU A 281 15.53 4.18 21.86
CA LEU A 281 15.84 5.60 21.58
C LEU A 281 14.68 6.50 22.09
N VAL A 282 13.42 6.16 21.86
CA VAL A 282 12.32 7.04 22.35
C VAL A 282 12.23 6.95 23.88
N LYS A 283 12.67 5.87 24.52
CA LYS A 283 12.69 5.79 26.01
C LYS A 283 13.91 6.52 26.60
N ASN A 284 14.89 6.97 25.80
CA ASN A 284 16.20 7.48 26.25
C ASN A 284 16.58 8.71 25.43
N PRO A 285 15.90 9.85 25.65
CA PRO A 285 16.03 11.00 24.77
C PRO A 285 17.45 11.55 24.61
N HIS A 286 18.30 11.44 25.64
CA HIS A 286 19.71 11.92 25.52
C HIS A 286 20.42 11.05 24.50
N VAL A 287 20.13 9.75 24.50
CA VAL A 287 20.76 8.80 23.53
C VAL A 287 20.22 9.12 22.14
N LEU A 288 18.91 9.31 22.00
N LEU A 288 18.91 9.31 21.98
CA LEU A 288 18.29 9.66 20.70
CA LEU A 288 18.28 9.67 20.68
C LEU A 288 18.95 10.93 20.15
C LEU A 288 18.97 10.94 20.16
N GLN A 289 19.14 11.94 21.01
CA GLN A 289 19.77 13.22 20.58
C GLN A 289 21.18 12.98 20.01
N LYS A 290 22.03 12.20 20.69
CA LYS A 290 23.44 11.96 20.28
C LYS A 290 23.46 11.18 18.95
N ALA A 291 22.55 10.21 18.80
CA ALA A 291 22.42 9.47 17.52
C ALA A 291 21.91 10.39 16.39
N ALA A 292 20.93 11.25 16.66
CA ALA A 292 20.39 12.17 15.64
C ALA A 292 21.49 13.16 15.23
N GLU A 293 22.31 13.59 16.19
CA GLU A 293 23.46 14.50 15.85
C GLU A 293 24.45 13.81 14.90
N GLU A 294 24.77 12.53 15.12
CA GLU A 294 25.69 11.78 14.22
C GLU A 294 25.08 11.70 12.82
N ALA A 295 23.81 11.34 12.74
CA ALA A 295 23.09 11.15 11.45
C ALA A 295 23.17 12.46 10.64
N ALA A 296 22.85 13.58 11.29
CA ALA A 296 22.89 14.92 10.66
C ALA A 296 24.30 15.21 10.14
N ARG A 297 25.35 14.91 10.91
CA ARG A 297 26.73 15.30 10.55
C ARG A 297 27.22 14.40 9.42
N VAL A 298 26.86 13.11 9.43
CA VAL A 298 27.46 12.15 8.45
C VAL A 298 26.64 12.08 7.15
N LEU A 299 25.32 12.03 7.23
CA LEU A 299 24.47 11.81 6.02
C LEU A 299 24.17 13.16 5.36
N VAL A 300 25.17 13.70 4.65
CA VAL A 300 25.16 15.07 4.08
C VAL A 300 24.61 15.06 2.66
N ASP A 301 24.29 13.90 2.08
CA ASP A 301 23.72 13.79 0.72
C ASP A 301 22.28 13.28 0.80
N PRO A 302 21.44 13.56 -0.21
CA PRO A 302 20.04 13.15 -0.18
C PRO A 302 19.88 11.62 -0.07
N VAL A 303 20.80 10.89 -0.69
CA VAL A 303 20.88 9.41 -0.72
C VAL A 303 22.11 9.00 0.07
N PRO A 304 22.07 8.23 1.18
CA PRO A 304 23.31 7.79 1.81
C PRO A 304 24.13 6.90 0.89
N SER A 305 25.45 7.03 0.99
CA SER A 305 26.43 6.14 0.35
C SER A 305 26.87 5.04 1.32
N TYR A 306 27.41 3.97 0.78
CA TYR A 306 28.03 2.86 1.54
C TYR A 306 29.06 3.43 2.52
N LYS A 307 29.95 4.31 2.06
CA LYS A 307 31.03 4.85 2.93
C LYS A 307 30.43 5.67 4.07
N GLN A 308 29.35 6.38 3.84
CA GLN A 308 28.69 7.14 4.93
C GLN A 308 28.11 6.20 5.96
N VAL A 309 27.44 5.14 5.52
CA VAL A 309 26.86 4.19 6.52
C VAL A 309 28.00 3.66 7.41
N LYS A 310 29.18 3.36 6.85
CA LYS A 310 30.33 2.85 7.63
C LYS A 310 30.73 3.87 8.70
N GLN A 311 30.41 5.16 8.58
CA GLN A 311 30.83 6.23 9.52
C GLN A 311 29.74 6.50 10.55
N LEU A 312 28.62 5.80 10.51
CA LEU A 312 27.60 5.98 11.58
C LEU A 312 27.98 5.09 12.78
N LYS A 313 29.08 5.42 13.47
CA LYS A 313 29.63 4.54 14.53
C LYS A 313 28.68 4.47 15.71
N TYR A 314 28.14 5.63 16.14
CA TYR A 314 27.28 5.71 17.34
C TYR A 314 25.97 4.95 17.04
N VAL A 315 25.48 5.09 15.83
CA VAL A 315 24.25 4.32 15.43
C VAL A 315 24.56 2.81 15.53
N GLY A 316 25.73 2.38 15.07
CA GLY A 316 26.24 1.00 15.26
C GLY A 316 26.21 0.57 16.73
N MET A 317 26.60 1.46 17.64
CA MET A 317 26.63 1.16 19.10
C MET A 317 25.21 1.06 19.62
N VAL A 318 24.29 1.91 19.15
CA VAL A 318 22.86 1.89 19.52
C VAL A 318 22.32 0.51 19.13
N LEU A 319 22.63 0.07 17.91
CA LEU A 319 22.12 -1.27 17.47
C LEU A 319 22.70 -2.39 18.34
N ASN A 320 23.97 -2.35 18.69
CA ASN A 320 24.58 -3.39 19.57
C ASN A 320 23.91 -3.36 20.95
N GLU A 321 23.63 -2.18 21.48
CA GLU A 321 23.03 -2.06 22.85
C GLU A 321 21.56 -2.53 22.83
N ALA A 322 20.84 -2.39 21.71
CA ALA A 322 19.51 -3.01 21.52
C ALA A 322 19.63 -4.52 21.46
N LEU A 323 20.60 -5.05 20.70
CA LEU A 323 20.89 -6.50 20.69
C LEU A 323 21.28 -7.01 22.08
N ARG A 324 21.95 -6.19 22.88
CA ARG A 324 22.33 -6.64 24.23
C ARG A 324 21.07 -6.89 25.07
N LEU A 325 20.22 -5.89 25.20
CA LEU A 325 19.02 -6.04 26.06
C LEU A 325 17.96 -6.95 25.44
N TRP A 326 17.67 -6.84 24.14
CA TRP A 326 16.66 -7.73 23.51
C TRP A 326 17.21 -8.33 22.23
N PRO A 327 18.05 -9.38 22.34
CA PRO A 327 18.57 -10.09 21.17
C PRO A 327 17.38 -10.77 20.51
N THR A 328 17.07 -10.38 19.28
N THR A 328 17.10 -10.36 19.27
CA THR A 328 15.79 -10.78 18.65
CA THR A 328 15.84 -10.71 18.60
C THR A 328 15.84 -12.25 18.31
C THR A 328 15.84 -12.20 18.29
N ALA A 329 17.02 -12.82 18.04
CA ALA A 329 17.15 -14.28 18.00
C ALA A 329 17.61 -14.69 19.40
N PRO A 330 16.72 -15.23 20.26
CA PRO A 330 17.03 -15.24 21.69
C PRO A 330 17.80 -16.45 22.23
N ALA A 331 18.00 -17.49 21.43
CA ALA A 331 18.72 -18.68 21.93
C ALA A 331 19.39 -19.41 20.80
N PHE A 332 20.38 -20.23 21.13
CA PHE A 332 20.89 -21.28 20.24
C PHE A 332 21.25 -22.50 21.10
N SER A 333 21.44 -23.61 20.42
CA SER A 333 21.56 -24.91 21.09
C SER A 333 22.87 -25.56 20.69
N LEU A 334 23.51 -26.26 21.64
CA LEU A 334 24.82 -26.91 21.44
C LEU A 334 24.74 -28.36 21.94
N TYR A 335 25.57 -29.24 21.40
CA TYR A 335 25.72 -30.62 21.96
C TYR A 335 27.21 -30.81 22.25
N ALA A 336 27.48 -31.58 23.30
CA ALA A 336 28.86 -31.97 23.67
C ALA A 336 29.39 -33.00 22.65
N LYS A 337 30.50 -32.68 22.01
CA LYS A 337 31.16 -33.57 21.01
C LYS A 337 31.73 -34.81 21.75
N GLU A 338 32.16 -34.63 22.98
CA GLU A 338 32.74 -35.75 23.79
C GLU A 338 32.37 -35.50 25.24
N ASP A 339 32.56 -36.50 26.11
CA ASP A 339 32.42 -36.24 27.58
C ASP A 339 33.30 -35.06 27.93
N THR A 340 32.83 -34.19 28.82
CA THR A 340 33.57 -32.99 29.21
C THR A 340 32.94 -32.43 30.47
N VAL A 341 33.66 -31.56 31.16
CA VAL A 341 33.17 -30.94 32.42
C VAL A 341 32.98 -29.45 32.18
N LEU A 342 31.79 -28.96 32.49
CA LEU A 342 31.46 -27.53 32.34
C LEU A 342 31.77 -26.81 33.64
N GLY A 343 32.64 -25.80 33.60
CA GLY A 343 32.91 -24.84 34.70
C GLY A 343 33.52 -25.53 35.92
N GLY A 344 34.10 -26.72 35.72
CA GLY A 344 34.71 -27.55 36.78
C GLY A 344 33.68 -28.06 37.79
N GLU A 345 32.38 -28.11 37.42
CA GLU A 345 31.29 -28.48 38.36
C GLU A 345 30.29 -29.44 37.71
N TYR A 346 29.98 -29.27 36.42
CA TYR A 346 28.85 -29.98 35.77
C TYR A 346 29.37 -30.94 34.70
N PRO A 347 29.43 -32.25 35.00
CA PRO A 347 29.90 -33.26 34.05
C PRO A 347 28.83 -33.44 32.98
N LEU A 348 29.25 -33.50 31.71
CA LEU A 348 28.35 -33.81 30.58
C LEU A 348 28.93 -35.00 29.85
N GLU A 349 28.06 -35.82 29.30
CA GLU A 349 28.40 -36.96 28.41
C GLU A 349 28.27 -36.51 26.95
N LYS A 350 29.07 -37.13 26.08
CA LYS A 350 28.93 -37.05 24.60
C LYS A 350 27.44 -37.00 24.24
N GLY A 351 27.00 -35.98 23.49
CA GLY A 351 25.60 -35.92 23.00
C GLY A 351 24.72 -35.06 23.88
N ASP A 352 25.10 -34.78 25.15
CA ASP A 352 24.29 -33.92 26.05
C ASP A 352 24.09 -32.54 25.41
N GLU A 353 22.87 -32.01 25.53
CA GLU A 353 22.46 -30.74 24.90
C GLU A 353 22.50 -29.57 25.90
N LEU A 354 22.76 -28.37 25.37
CA LEU A 354 22.75 -27.09 26.10
C LEU A 354 21.89 -26.11 25.28
N MET A 355 21.21 -25.21 25.97
CA MET A 355 20.57 -24.02 25.37
C MET A 355 21.26 -22.80 25.96
N VAL A 356 21.72 -21.91 25.09
CA VAL A 356 22.24 -20.58 25.49
C VAL A 356 21.07 -19.62 25.47
N LEU A 357 20.74 -19.04 26.63
CA LEU A 357 19.65 -18.07 26.81
C LEU A 357 20.25 -16.68 26.66
N ILE A 358 20.26 -16.17 25.43
CA ILE A 358 21.09 -14.97 25.11
C ILE A 358 20.63 -13.78 25.94
N PRO A 359 19.32 -13.50 26.13
CA PRO A 359 18.94 -12.32 26.90
C PRO A 359 19.50 -12.34 28.33
N GLN A 360 19.68 -13.52 28.92
CA GLN A 360 20.20 -13.62 30.30
C GLN A 360 21.71 -13.43 30.28
N LEU A 361 22.41 -14.03 29.32
CA LEU A 361 23.87 -13.83 29.13
C LEU A 361 24.15 -12.32 29.13
N HIS A 362 23.36 -11.58 28.38
CA HIS A 362 23.50 -10.12 28.17
C HIS A 362 23.14 -9.33 29.43
N ARG A 363 22.63 -10.00 30.49
CA ARG A 363 22.30 -9.35 31.78
C ARG A 363 23.28 -9.76 32.90
N ASP A 364 24.38 -10.39 32.57
CA ASP A 364 25.34 -10.90 33.59
C ASP A 364 26.02 -9.69 34.25
N LYS A 365 25.71 -9.43 35.52
CA LYS A 365 26.20 -8.21 36.22
C LYS A 365 27.71 -8.29 36.43
N THR A 366 28.29 -9.47 36.38
CA THR A 366 29.74 -9.66 36.58
C THR A 366 30.46 -9.13 35.34
N ILE A 367 29.75 -8.97 34.21
CA ILE A 367 30.34 -8.47 32.94
C ILE A 367 29.99 -7.01 32.79
N TRP A 368 28.72 -6.64 32.96
CA TRP A 368 28.21 -5.34 32.49
C TRP A 368 28.13 -4.35 33.67
N GLY A 369 28.24 -4.81 34.93
CA GLY A 369 28.07 -3.93 36.11
C GLY A 369 26.63 -3.83 36.58
N ASP A 370 26.39 -2.98 37.60
CA ASP A 370 25.07 -2.83 38.26
C ASP A 370 24.07 -2.08 37.36
N ASP A 371 24.53 -1.23 36.42
CA ASP A 371 23.64 -0.51 35.44
C ASP A 371 23.25 -1.42 34.26
N VAL A 372 23.11 -2.73 34.46
CA VAL A 372 22.93 -3.73 33.37
C VAL A 372 21.59 -3.56 32.66
N GLU A 373 20.56 -3.04 33.35
CA GLU A 373 19.21 -2.85 32.75
C GLU A 373 19.13 -1.52 31.97
N GLU A 374 20.13 -0.65 32.09
N GLU A 374 20.15 -0.66 32.08
CA GLU A 374 20.15 0.69 31.45
CA GLU A 374 20.19 0.69 31.48
C GLU A 374 20.62 0.59 29.99
C GLU A 374 20.65 0.62 30.01
N PHE A 375 20.06 1.44 29.14
CA PHE A 375 20.41 1.53 27.70
C PHE A 375 21.56 2.52 27.55
N ARG A 376 22.76 2.00 27.38
CA ARG A 376 23.99 2.82 27.34
C ARG A 376 24.89 2.35 26.22
N PRO A 377 24.71 2.87 24.99
CA PRO A 377 25.49 2.42 23.84
C PRO A 377 27.01 2.57 24.03
N GLU A 378 27.42 3.48 24.89
CA GLU A 378 28.86 3.78 25.12
C GLU A 378 29.56 2.52 25.66
N ARG A 379 28.81 1.54 26.18
CA ARG A 379 29.36 0.22 26.59
C ARG A 379 30.21 -0.39 25.47
N PHE A 380 29.92 -0.05 24.21
CA PHE A 380 30.48 -0.72 23.02
C PHE A 380 31.61 0.08 22.37
N GLU A 381 32.12 1.11 23.05
N GLU A 381 32.14 1.10 23.05
CA GLU A 381 33.20 1.99 22.50
CA GLU A 381 33.20 1.98 22.49
C GLU A 381 34.44 1.16 22.18
C GLU A 381 34.47 1.18 22.20
N ASN A 382 34.77 0.16 23.01
CA ASN A 382 36.04 -0.57 22.91
C ASN A 382 35.76 -2.07 23.03
N PRO A 383 35.70 -2.81 21.90
CA PRO A 383 35.49 -4.27 21.96
C PRO A 383 36.55 -5.03 22.78
N SER A 384 37.78 -4.48 22.90
CA SER A 384 38.85 -5.14 23.70
C SER A 384 38.54 -5.06 25.20
N ALA A 385 37.64 -4.16 25.61
CA ALA A 385 37.26 -4.02 27.03
C ALA A 385 36.09 -4.95 27.38
N ILE A 386 35.56 -5.69 26.43
CA ILE A 386 34.45 -6.65 26.65
C ILE A 386 35.02 -8.06 26.76
N PRO A 387 34.72 -8.79 27.87
CA PRO A 387 35.21 -10.15 28.02
C PRO A 387 34.79 -11.05 26.86
N GLN A 388 35.58 -12.11 26.65
CA GLN A 388 35.30 -13.09 25.59
C GLN A 388 33.91 -13.69 25.78
N HIS A 389 33.13 -13.74 24.71
CA HIS A 389 31.86 -14.49 24.65
C HIS A 389 30.81 -13.85 25.57
N ALA A 390 30.97 -12.57 25.90
CA ALA A 390 29.96 -11.87 26.71
C ALA A 390 28.73 -11.50 25.86
N PHE A 391 28.90 -11.36 24.55
CA PHE A 391 27.92 -10.68 23.66
C PHE A 391 27.75 -11.55 22.44
N LYS A 392 26.62 -12.28 22.35
CA LYS A 392 26.45 -13.37 21.36
C LYS A 392 25.14 -13.25 20.58
N PRO A 393 24.70 -12.06 20.14
CA PRO A 393 23.44 -11.94 19.41
C PRO A 393 23.40 -12.61 18.02
N PHE A 394 24.56 -12.90 17.45
CA PHE A 394 24.71 -13.57 16.14
C PHE A 394 25.22 -14.99 16.32
N GLY A 395 25.12 -15.57 17.54
CA GLY A 395 25.53 -16.97 17.72
C GLY A 395 27.03 -17.10 17.81
N ASN A 396 27.59 -18.24 17.44
CA ASN A 396 28.99 -18.56 17.79
C ASN A 396 29.72 -19.28 16.64
N GLY A 397 30.98 -18.88 16.44
CA GLY A 397 31.95 -19.66 15.65
C GLY A 397 31.55 -19.83 14.20
N GLN A 398 31.87 -21.00 13.60
CA GLN A 398 31.58 -21.28 12.17
C GLN A 398 30.07 -21.31 11.94
N ARG A 399 29.27 -21.51 13.00
CA ARG A 399 27.79 -21.59 12.88
C ARG A 399 27.14 -20.26 13.30
N ALA A 400 27.92 -19.18 13.36
CA ALA A 400 27.41 -17.82 13.61
C ALA A 400 26.60 -17.37 12.39
N CYS A 401 25.81 -16.35 12.60
CA CYS A 401 24.93 -15.75 11.56
C CYS A 401 25.75 -15.40 10.32
N ILE A 402 25.44 -15.99 9.19
CA ILE A 402 26.11 -15.55 7.91
C ILE A 402 25.60 -14.15 7.49
N GLY A 403 24.42 -13.76 7.93
CA GLY A 403 23.80 -12.49 7.54
C GLY A 403 24.22 -11.31 8.40
N GLN A 404 25.14 -11.44 9.33
CA GLN A 404 25.42 -10.37 10.33
C GLN A 404 25.79 -9.02 9.67
N GLN A 405 26.66 -9.06 8.66
N GLN A 405 26.67 -9.05 8.67
CA GLN A 405 27.09 -7.82 7.96
CA GLN A 405 27.10 -7.80 7.99
C GLN A 405 25.88 -7.23 7.24
C GLN A 405 25.91 -7.21 7.22
N PHE A 406 25.07 -8.07 6.63
CA PHE A 406 23.89 -7.63 5.83
C PHE A 406 22.90 -6.93 6.79
N ALA A 407 22.57 -7.62 7.89
CA ALA A 407 21.60 -7.10 8.86
C ALA A 407 22.09 -5.76 9.40
N LEU A 408 23.34 -5.68 9.83
CA LEU A 408 23.86 -4.46 10.50
C LEU A 408 24.00 -3.32 9.48
N HIS A 409 24.32 -3.63 8.21
CA HIS A 409 24.40 -2.56 7.18
C HIS A 409 22.99 -1.98 7.00
N GLU A 410 22.02 -2.85 6.76
CA GLU A 410 20.62 -2.42 6.50
C GLU A 410 20.13 -1.63 7.71
N ALA A 411 20.33 -2.14 8.91
CA ALA A 411 19.78 -1.50 10.13
C ALA A 411 20.46 -0.15 10.36
N THR A 412 21.77 -0.08 10.15
CA THR A 412 22.50 1.19 10.31
C THR A 412 22.02 2.24 9.28
N LEU A 413 21.91 1.85 8.01
CA LEU A 413 21.39 2.72 6.92
C LEU A 413 20.01 3.29 7.30
N VAL A 414 19.09 2.41 7.63
CA VAL A 414 17.68 2.79 7.85
C VAL A 414 17.59 3.63 9.11
N LEU A 415 18.21 3.18 10.21
CA LEU A 415 18.11 3.96 11.47
C LEU A 415 18.74 5.35 11.25
N GLY A 416 19.87 5.41 10.54
CA GLY A 416 20.51 6.69 10.18
C GLY A 416 19.59 7.62 9.39
N MET A 417 18.91 7.11 8.37
CA MET A 417 17.90 7.90 7.61
C MET A 417 16.71 8.29 8.50
N MET A 418 16.23 7.40 9.37
CA MET A 418 15.08 7.73 10.25
C MET A 418 15.49 8.91 11.15
N LEU A 419 16.70 8.89 11.71
CA LEU A 419 17.13 9.92 12.69
C LEU A 419 17.46 11.22 11.95
N LYS A 420 17.89 11.11 10.70
CA LYS A 420 18.14 12.31 9.87
C LYS A 420 16.81 13.02 9.59
N HIS A 421 15.75 12.28 9.24
CA HIS A 421 14.55 12.87 8.58
C HIS A 421 13.43 13.23 9.55
N PHE A 422 13.39 12.65 10.75
CA PHE A 422 12.25 12.79 11.68
C PHE A 422 12.71 13.00 13.12
N ASP A 423 11.92 13.77 13.88
CA ASP A 423 11.85 13.69 15.36
C ASP A 423 10.77 12.66 15.72
N PHE A 424 10.93 11.97 16.83
CA PHE A 424 9.97 10.93 17.26
C PHE A 424 9.36 11.30 18.60
N GLU A 425 8.09 10.95 18.75
CA GLU A 425 7.36 11.10 20.02
C GLU A 425 6.77 9.73 20.41
N ASP A 426 7.03 9.31 21.64
CA ASP A 426 6.37 8.14 22.29
C ASP A 426 5.03 8.65 22.84
N HIS A 427 4.07 8.89 21.96
CA HIS A 427 2.83 9.62 22.28
C HIS A 427 1.90 8.82 23.19
N THR A 428 2.02 7.50 23.28
CA THR A 428 1.16 6.65 24.14
C THR A 428 1.87 6.24 25.45
N ASN A 429 3.12 6.64 25.66
CA ASN A 429 3.96 6.13 26.78
C ASN A 429 3.93 4.59 26.72
N TYR A 430 4.36 4.05 25.59
CA TYR A 430 4.21 2.62 25.24
C TYR A 430 4.82 1.75 26.34
N GLU A 431 4.09 0.75 26.80
CA GLU A 431 4.59 -0.25 27.78
C GLU A 431 5.11 -1.46 26.97
N LEU A 432 6.39 -1.79 27.13
CA LEU A 432 6.99 -2.88 26.33
C LEU A 432 6.18 -4.16 26.48
N ASP A 433 5.76 -4.73 25.35
CA ASP A 433 5.05 -6.02 25.26
C ASP A 433 5.76 -6.85 24.22
N ILE A 434 6.43 -7.91 24.62
CA ILE A 434 7.30 -8.62 23.67
C ILE A 434 6.56 -9.84 23.16
N LYS A 435 6.29 -9.83 21.84
CA LYS A 435 5.65 -10.98 21.17
C LYS A 435 6.73 -11.97 20.76
N GLU A 436 6.47 -13.27 20.91
CA GLU A 436 7.45 -14.31 20.53
C GLU A 436 6.94 -15.12 19.34
N THR A 437 7.73 -15.16 18.28
CA THR A 437 7.51 -16.04 17.10
C THR A 437 8.72 -16.97 17.01
N LEU A 438 9.37 -17.05 15.86
CA LEU A 438 10.76 -17.57 15.87
C LEU A 438 11.59 -16.64 16.75
N THR A 439 11.23 -15.35 16.79
CA THR A 439 12.08 -14.25 17.32
C THR A 439 11.26 -13.38 18.25
N LEU A 440 11.93 -12.38 18.79
CA LEU A 440 11.32 -11.40 19.72
C LEU A 440 11.05 -10.12 18.99
N LYS A 441 9.86 -9.55 19.17
CA LYS A 441 9.54 -8.21 18.65
C LYS A 441 8.62 -7.47 19.59
N PRO A 442 8.78 -6.14 19.68
N PRO A 442 8.67 -6.12 19.63
CA PRO A 442 7.78 -5.33 20.35
CA PRO A 442 7.78 -5.35 20.51
C PRO A 442 6.45 -5.57 19.63
C PRO A 442 6.37 -5.00 19.98
N GLU A 443 5.38 -5.78 20.42
CA GLU A 443 4.02 -5.79 19.85
C GLU A 443 3.30 -4.51 20.24
N GLY A 444 2.63 -3.89 19.28
CA GLY A 444 1.77 -2.71 19.51
C GLY A 444 2.59 -1.44 19.67
N PHE A 445 3.90 -1.48 19.40
CA PHE A 445 4.75 -0.30 19.58
C PHE A 445 4.38 0.71 18.49
N VAL A 446 3.97 1.91 18.89
CA VAL A 446 3.55 3.01 17.98
C VAL A 446 4.28 4.28 18.41
N VAL A 447 4.54 5.15 17.44
CA VAL A 447 5.19 6.46 17.65
C VAL A 447 4.55 7.46 16.67
N LYS A 448 4.79 8.74 16.91
CA LYS A 448 4.50 9.84 15.99
C LYS A 448 5.84 10.36 15.52
N ALA A 449 5.91 10.68 14.24
CA ALA A 449 7.14 11.13 13.59
C ALA A 449 6.88 12.49 12.96
N LYS A 450 7.53 13.53 13.45
CA LYS A 450 7.41 14.91 12.88
C LYS A 450 8.57 15.16 11.94
N SER A 451 8.28 15.41 10.68
CA SER A 451 9.28 15.54 9.61
C SER A 451 10.18 16.73 9.94
N LYS A 452 11.48 16.59 9.76
CA LYS A 452 12.40 17.76 9.77
C LYS A 452 12.40 18.42 8.38
N LYS A 453 11.56 17.95 7.45
CA LYS A 453 11.37 18.50 6.08
C LYS A 453 12.71 18.62 5.36
N ILE A 454 13.53 17.58 5.38
CA ILE A 454 14.80 17.55 4.62
C ILE A 454 14.55 16.72 3.37
N PRO A 455 14.79 17.28 2.17
CA PRO A 455 14.47 16.60 0.92
C PRO A 455 15.27 15.30 0.74
N LEU A 456 14.69 14.33 0.02
CA LEU A 456 15.39 13.13 -0.50
C LEU A 456 15.89 13.41 -1.92
N ILE B 3 -46.49 19.47 -35.21
CA ILE B 3 -46.67 18.89 -33.82
C ILE B 3 -46.80 17.37 -33.92
N LYS B 4 -45.85 16.64 -33.31
CA LYS B 4 -45.71 15.16 -33.36
C LYS B 4 -45.99 14.55 -31.98
N GLU B 5 -46.52 13.32 -31.97
CA GLU B 5 -46.57 12.44 -30.78
C GLU B 5 -45.20 11.77 -30.58
N MET B 6 -44.78 11.74 -29.34
CA MET B 6 -43.46 11.25 -28.93
C MET B 6 -43.44 9.73 -28.85
N PRO B 7 -42.40 9.04 -29.37
CA PRO B 7 -42.25 7.61 -29.10
C PRO B 7 -42.07 7.32 -27.60
N GLN B 8 -42.40 6.11 -27.16
CA GLN B 8 -42.31 5.68 -25.75
C GLN B 8 -41.97 4.19 -25.71
N PRO B 9 -41.04 3.75 -24.85
CA PRO B 9 -40.72 2.32 -24.78
C PRO B 9 -41.80 1.50 -24.05
N LYS B 10 -41.58 0.20 -24.05
CA LYS B 10 -42.58 -0.79 -23.59
C LYS B 10 -42.93 -0.52 -22.12
N THR B 11 -44.18 -0.79 -21.76
CA THR B 11 -44.76 -0.49 -20.43
C THR B 11 -45.05 -1.76 -19.65
N PHE B 12 -45.24 -1.59 -18.35
CA PHE B 12 -45.44 -2.70 -17.38
C PHE B 12 -46.65 -2.37 -16.52
N GLY B 13 -47.81 -2.17 -17.15
CA GLY B 13 -49.05 -1.81 -16.48
C GLY B 13 -48.87 -0.54 -15.64
N GLU B 14 -49.30 -0.58 -14.38
CA GLU B 14 -49.26 0.56 -13.43
C GLU B 14 -47.82 1.08 -13.22
N LEU B 15 -46.78 0.27 -13.44
CA LEU B 15 -45.35 0.68 -13.21
C LEU B 15 -44.83 1.43 -14.45
N LYS B 16 -45.66 1.54 -15.49
CA LYS B 16 -45.36 2.32 -16.71
C LYS B 16 -43.99 1.85 -17.22
N ASN B 17 -43.01 2.74 -17.40
CA ASN B 17 -41.68 2.34 -17.94
C ASN B 17 -40.68 2.01 -16.83
N LEU B 18 -41.01 2.19 -15.57
CA LEU B 18 -40.01 2.08 -14.46
C LEU B 18 -39.21 0.77 -14.46
N PRO B 19 -39.77 -0.45 -14.64
CA PRO B 19 -38.97 -1.67 -14.62
C PRO B 19 -37.83 -1.73 -15.67
N LEU B 20 -37.85 -0.89 -16.71
CA LEU B 20 -36.76 -0.82 -17.72
C LEU B 20 -35.44 -0.42 -17.04
N LEU B 21 -35.52 0.30 -15.92
CA LEU B 21 -34.31 0.73 -15.16
C LEU B 21 -33.92 -0.27 -14.08
N ASN B 22 -34.67 -1.38 -13.90
CA ASN B 22 -34.32 -2.45 -12.94
C ASN B 22 -33.23 -3.30 -13.57
N THR B 23 -32.04 -2.74 -13.72
CA THR B 23 -30.85 -3.37 -14.34
C THR B 23 -29.64 -2.75 -13.66
N ASP B 24 -28.51 -3.46 -13.66
CA ASP B 24 -27.25 -2.86 -13.13
C ASP B 24 -26.68 -1.88 -14.19
N LYS B 25 -27.24 -1.83 -15.40
CA LYS B 25 -26.71 -0.98 -16.53
C LYS B 25 -27.83 -0.14 -17.15
N PRO B 26 -28.45 0.74 -16.36
CA PRO B 26 -29.57 1.53 -16.86
C PRO B 26 -29.24 2.54 -17.95
N VAL B 27 -28.05 3.19 -17.92
CA VAL B 27 -27.70 4.17 -18.99
C VAL B 27 -27.53 3.41 -20.30
N GLN B 28 -26.90 2.24 -20.25
CA GLN B 28 -26.71 1.42 -21.46
C GLN B 28 -28.07 0.93 -21.99
N ALA B 29 -29.02 0.67 -21.11
CA ALA B 29 -30.39 0.26 -21.50
C ALA B 29 -31.08 1.42 -22.22
N LEU B 30 -30.97 2.63 -21.69
CA LEU B 30 -31.54 3.83 -22.33
C LEU B 30 -30.87 4.09 -23.67
N MET B 31 -29.56 3.86 -23.80
CA MET B 31 -28.89 4.00 -25.11
C MET B 31 -29.52 3.06 -26.14
N LYS B 32 -29.77 1.83 -25.77
CA LYS B 32 -30.41 0.83 -26.70
C LYS B 32 -31.83 1.29 -27.03
N ILE B 33 -32.61 1.80 -26.06
CA ILE B 33 -33.95 2.38 -26.35
C ILE B 33 -33.81 3.55 -27.34
N ALA B 34 -32.86 4.48 -27.09
CA ALA B 34 -32.64 5.60 -28.04
C ALA B 34 -32.28 5.08 -29.44
N ASP B 35 -31.51 4.01 -29.54
CA ASP B 35 -31.16 3.46 -30.89
C ASP B 35 -32.42 2.96 -31.62
N GLU B 36 -33.37 2.39 -30.88
N GLU B 36 -33.38 2.41 -30.88
CA GLU B 36 -34.67 1.88 -31.41
CA GLU B 36 -34.66 1.89 -31.43
C GLU B 36 -35.61 3.06 -31.73
C GLU B 36 -35.64 3.05 -31.72
N LEU B 37 -35.77 4.05 -30.84
CA LEU B 37 -36.88 5.03 -30.90
C LEU B 37 -36.47 6.37 -31.53
N GLY B 38 -35.17 6.72 -31.49
CA GLY B 38 -34.64 7.89 -32.19
C GLY B 38 -34.30 9.04 -31.24
N GLU B 39 -34.42 10.25 -31.76
CA GLU B 39 -33.78 11.42 -31.12
C GLU B 39 -34.55 11.84 -29.87
N ILE B 40 -35.79 11.37 -29.65
CA ILE B 40 -36.56 11.75 -28.43
C ILE B 40 -37.53 10.65 -28.07
N PHE B 41 -37.64 10.37 -26.77
CA PHE B 41 -38.69 9.46 -26.29
C PHE B 41 -39.14 9.87 -24.89
N LYS B 42 -40.42 9.60 -24.65
CA LYS B 42 -41.06 9.81 -23.35
C LYS B 42 -40.77 8.63 -22.45
N PHE B 43 -40.52 8.89 -21.18
CA PHE B 43 -40.33 7.83 -20.17
C PHE B 43 -41.22 8.13 -18.99
N GLU B 44 -42.11 7.22 -18.62
CA GLU B 44 -43.08 7.49 -17.51
C GLU B 44 -42.79 6.54 -16.37
N ALA B 45 -42.88 7.04 -15.14
CA ALA B 45 -42.87 6.22 -13.92
C ALA B 45 -44.08 6.64 -13.10
N PRO B 46 -44.49 5.86 -12.06
CA PRO B 46 -45.59 6.32 -11.20
C PRO B 46 -45.27 7.75 -10.71
N GLY B 47 -46.10 8.70 -11.10
CA GLY B 47 -46.01 10.10 -10.64
C GLY B 47 -44.90 10.91 -11.27
N ARG B 48 -44.29 10.51 -12.39
CA ARG B 48 -43.30 11.41 -13.03
C ARG B 48 -43.16 11.08 -14.51
N VAL B 49 -42.75 12.08 -15.27
N VAL B 49 -42.75 12.09 -15.27
CA VAL B 49 -42.47 11.92 -16.72
CA VAL B 49 -42.50 11.96 -16.72
C VAL B 49 -41.22 12.71 -17.08
C VAL B 49 -41.18 12.67 -17.01
N THR B 50 -40.36 12.12 -17.90
CA THR B 50 -39.25 12.89 -18.51
C THR B 50 -39.16 12.52 -19.98
N ARG B 51 -38.35 13.27 -20.71
CA ARG B 51 -38.12 13.02 -22.13
C ARG B 51 -36.62 12.91 -22.34
N TYR B 52 -36.17 11.84 -22.98
CA TYR B 52 -34.73 11.58 -23.23
C TYR B 52 -34.39 12.09 -24.62
N LEU B 53 -33.40 12.99 -24.72
CA LEU B 53 -32.94 13.61 -25.96
C LEU B 53 -31.61 12.97 -26.39
N SER B 54 -31.48 12.69 -27.69
CA SER B 54 -30.28 12.01 -28.26
C SER B 54 -29.67 12.76 -29.46
N SER B 55 -30.34 13.72 -30.09
CA SER B 55 -29.85 14.38 -31.32
C SER B 55 -29.26 15.73 -30.94
N GLN B 56 -28.25 16.15 -31.70
CA GLN B 56 -27.68 17.51 -31.59
C GLN B 56 -28.76 18.54 -31.93
N ARG B 57 -29.65 18.22 -32.86
CA ARG B 57 -30.73 19.13 -33.31
C ARG B 57 -31.59 19.52 -32.11
N LEU B 58 -31.98 18.57 -31.25
CA LEU B 58 -32.83 18.91 -30.08
C LEU B 58 -31.97 19.38 -28.92
N ILE B 59 -30.83 18.77 -28.70
CA ILE B 59 -29.98 19.14 -27.54
C ILE B 59 -29.46 20.58 -27.68
N LYS B 60 -29.21 21.06 -28.89
CA LYS B 60 -28.75 22.47 -29.05
C LYS B 60 -29.83 23.42 -28.51
N GLU B 61 -31.11 23.06 -28.64
CA GLU B 61 -32.22 23.89 -28.12
C GLU B 61 -32.29 23.75 -26.60
N ALA B 62 -32.17 22.54 -26.06
CA ALA B 62 -32.22 22.27 -24.62
C ALA B 62 -31.09 23.03 -23.90
N CYS B 63 -29.97 23.29 -24.61
CA CYS B 63 -28.78 23.99 -24.07
C CYS B 63 -28.96 25.51 -24.15
N ASP B 64 -30.12 26.00 -24.63
CA ASP B 64 -30.43 27.45 -24.62
C ASP B 64 -30.84 27.85 -23.19
N GLU B 65 -29.98 28.56 -22.47
CA GLU B 65 -30.17 28.85 -21.04
C GLU B 65 -31.32 29.85 -20.84
N SER B 66 -31.75 30.56 -21.89
CA SER B 66 -32.95 31.43 -21.81
C SER B 66 -34.22 30.58 -21.73
N ARG B 67 -34.16 29.32 -22.14
CA ARG B 67 -35.38 28.45 -22.24
C ARG B 67 -35.35 27.31 -21.22
N PHE B 68 -34.17 26.86 -20.84
CA PHE B 68 -34.00 25.67 -19.94
C PHE B 68 -32.93 25.95 -18.91
N ASP B 69 -33.14 25.44 -17.70
CA ASP B 69 -32.19 25.54 -16.58
C ASP B 69 -31.89 24.13 -16.12
N LYS B 70 -30.84 23.95 -15.34
CA LYS B 70 -30.49 22.65 -14.75
C LYS B 70 -31.62 22.17 -13.82
N ASN B 71 -31.99 20.91 -14.04
CA ASN B 71 -32.90 20.18 -13.15
C ASN B 71 -32.05 19.24 -12.30
N LEU B 72 -32.43 19.01 -11.04
CA LEU B 72 -31.87 17.88 -10.24
C LEU B 72 -32.66 16.63 -10.66
N SER B 73 -32.02 15.74 -11.41
CA SER B 73 -32.52 14.37 -11.70
C SER B 73 -32.79 13.67 -10.37
N GLN B 74 -33.54 12.56 -10.38
CA GLN B 74 -33.76 11.82 -9.12
C GLN B 74 -32.40 11.36 -8.58
N ALA B 75 -31.46 10.97 -9.45
CA ALA B 75 -30.10 10.60 -9.00
C ALA B 75 -29.49 11.73 -8.14
N LEU B 76 -29.50 12.95 -8.66
N LEU B 76 -29.49 12.96 -8.65
CA LEU B 76 -28.88 14.11 -7.97
CA LEU B 76 -28.85 14.09 -7.92
C LEU B 76 -29.64 14.43 -6.66
C LEU B 76 -29.64 14.43 -6.64
N LYS B 77 -30.98 14.30 -6.64
CA LYS B 77 -31.78 14.50 -5.40
C LYS B 77 -31.30 13.52 -4.31
N PHE B 78 -31.03 12.27 -4.65
CA PHE B 78 -30.56 11.25 -3.68
C PHE B 78 -29.13 11.57 -3.25
N VAL B 79 -28.28 12.03 -4.19
CA VAL B 79 -26.89 12.43 -3.86
C VAL B 79 -26.91 13.67 -2.97
N ARG B 80 -27.86 14.59 -3.20
CA ARG B 80 -28.04 15.80 -2.34
C ARG B 80 -28.17 15.44 -0.86
N ASP B 81 -28.67 14.26 -0.49
CA ASP B 81 -28.72 13.83 0.95
C ASP B 81 -27.33 13.87 1.59
N PHE B 82 -26.22 13.73 0.84
CA PHE B 82 -24.87 13.86 1.43
C PHE B 82 -24.08 15.01 0.76
N ALA B 83 -24.42 15.46 -0.46
CA ALA B 83 -23.67 16.54 -1.16
C ALA B 83 -24.35 17.90 -0.93
N GLY B 84 -25.53 17.89 -0.28
CA GLY B 84 -26.23 19.10 0.15
C GLY B 84 -26.38 20.15 -0.94
N ASP B 85 -26.13 21.41 -0.58
CA ASP B 85 -26.26 22.52 -1.54
C ASP B 85 -24.83 22.89 -1.97
N GLY B 86 -23.97 21.87 -2.13
CA GLY B 86 -22.74 21.98 -2.93
C GLY B 86 -23.07 22.35 -4.37
N LEU B 87 -22.07 22.70 -5.18
CA LEU B 87 -22.30 23.24 -6.52
C LEU B 87 -23.05 22.23 -7.38
N PHE B 88 -22.79 20.94 -7.23
CA PHE B 88 -23.30 19.91 -8.17
C PHE B 88 -24.79 19.59 -7.91
N THR B 89 -25.23 19.73 -6.68
CA THR B 89 -26.58 19.28 -6.25
C THR B 89 -27.41 20.49 -5.79
N SER B 90 -26.98 21.72 -6.11
N SER B 90 -26.99 21.70 -6.16
CA SER B 90 -27.77 22.94 -5.86
CA SER B 90 -27.72 22.97 -5.93
C SER B 90 -28.59 23.36 -7.09
C SER B 90 -28.61 23.34 -7.12
N TRP B 91 -29.75 23.97 -6.84
CA TRP B 91 -30.56 24.62 -7.89
C TRP B 91 -29.93 25.97 -8.20
N THR B 92 -30.02 26.43 -9.45
CA THR B 92 -29.38 27.68 -9.92
C THR B 92 -29.94 28.84 -9.09
N HIS B 93 -31.18 28.73 -8.61
CA HIS B 93 -31.87 29.83 -7.88
C HIS B 93 -31.58 29.82 -6.38
N GLU B 94 -30.85 28.83 -5.85
CA GLU B 94 -30.48 28.82 -4.42
C GLU B 94 -29.33 29.80 -4.22
N LYS B 95 -29.44 30.65 -3.21
CA LYS B 95 -28.37 31.66 -2.89
C LYS B 95 -26.97 31.03 -2.93
N ASN B 96 -26.80 29.82 -2.39
CA ASN B 96 -25.45 29.21 -2.24
C ASN B 96 -24.90 28.75 -3.59
N TRP B 97 -25.73 28.60 -4.64
CA TRP B 97 -25.16 28.22 -5.97
C TRP B 97 -24.29 29.37 -6.48
N LYS B 98 -24.88 30.55 -6.67
CA LYS B 98 -24.14 31.66 -7.32
C LYS B 98 -23.01 32.12 -6.40
N LYS B 99 -23.22 32.07 -5.10
CA LYS B 99 -22.18 32.49 -4.15
C LYS B 99 -20.95 31.60 -4.25
N ALA B 100 -21.14 30.28 -4.16
CA ALA B 100 -20.02 29.31 -4.27
C ALA B 100 -19.42 29.38 -5.67
N HIS B 101 -20.22 29.56 -6.70
CA HIS B 101 -19.73 29.61 -8.11
C HIS B 101 -18.80 30.81 -8.24
N ASN B 102 -19.23 31.97 -7.72
CA ASN B 102 -18.37 33.18 -7.81
C ASN B 102 -17.10 33.00 -6.99
N ILE B 103 -17.15 32.40 -5.81
CA ILE B 103 -15.95 32.21 -4.93
C ILE B 103 -14.99 31.23 -5.59
N LEU B 104 -15.52 30.14 -6.14
CA LEU B 104 -14.64 29.02 -6.57
C LEU B 104 -14.16 29.15 -8.01
N LEU B 105 -14.80 29.92 -8.89
CA LEU B 105 -14.44 29.90 -10.34
C LEU B 105 -12.97 30.21 -10.53
N PRO B 106 -12.39 31.21 -9.84
CA PRO B 106 -10.98 31.51 -10.07
C PRO B 106 -10.01 30.43 -9.58
N SER B 107 -10.43 29.58 -8.63
N SER B 107 -10.42 29.59 -8.62
CA SER B 107 -9.62 28.45 -8.10
CA SER B 107 -9.56 28.48 -8.11
C SER B 107 -9.61 27.29 -9.09
C SER B 107 -9.62 27.28 -9.07
N PHE B 108 -10.39 27.37 -10.16
CA PHE B 108 -10.58 26.25 -11.13
C PHE B 108 -10.20 26.66 -12.53
N SER B 109 -9.60 27.84 -12.69
CA SER B 109 -9.29 28.40 -14.02
C SER B 109 -8.05 27.69 -14.55
N GLN B 110 -7.84 27.78 -15.86
CA GLN B 110 -6.60 27.28 -16.51
C GLN B 110 -5.39 27.89 -15.79
N GLN B 111 -5.44 29.16 -15.39
CA GLN B 111 -4.31 29.81 -14.65
C GLN B 111 -4.06 29.09 -13.32
N ALA B 112 -5.13 28.69 -12.59
CA ALA B 112 -4.97 28.11 -11.24
C ALA B 112 -4.28 26.75 -11.35
N MET B 113 -4.40 26.10 -12.50
CA MET B 113 -3.80 24.78 -12.74
C MET B 113 -2.27 24.90 -12.51
N LYS B 114 -1.65 26.06 -12.74
CA LYS B 114 -0.18 26.17 -12.51
C LYS B 114 0.14 25.90 -11.05
N GLY B 115 -0.72 26.33 -10.12
CA GLY B 115 -0.49 26.14 -8.68
C GLY B 115 -0.76 24.71 -8.24
N TYR B 116 -1.61 23.96 -8.95
CA TYR B 116 -1.96 22.57 -8.54
C TYR B 116 -0.97 21.56 -9.14
N HIS B 117 -0.25 21.95 -10.18
CA HIS B 117 0.56 21.05 -11.03
C HIS B 117 1.53 20.23 -10.15
N ALA B 118 2.24 20.86 -9.20
CA ALA B 118 3.27 20.18 -8.38
C ALA B 118 2.65 19.03 -7.57
N MET B 119 1.47 19.27 -6.98
N MET B 119 1.46 19.22 -6.99
CA MET B 119 0.68 18.25 -6.22
CA MET B 119 0.85 18.11 -6.21
C MET B 119 0.22 17.13 -7.16
C MET B 119 0.17 17.09 -7.14
N MET B 120 -0.25 17.49 -8.36
CA MET B 120 -0.67 16.45 -9.35
C MET B 120 0.54 15.60 -9.70
N VAL B 121 1.70 16.22 -9.90
CA VAL B 121 2.92 15.46 -10.29
C VAL B 121 3.30 14.49 -9.15
N ASP B 122 3.11 14.88 -7.90
CA ASP B 122 3.44 14.07 -6.72
C ASP B 122 2.68 12.73 -6.80
N ILE B 123 1.39 12.80 -7.07
CA ILE B 123 0.56 11.56 -7.16
C ILE B 123 0.88 10.78 -8.45
N ALA B 124 1.02 11.45 -9.59
CA ALA B 124 1.36 10.80 -10.88
C ALA B 124 2.66 10.00 -10.72
N VAL B 125 3.64 10.57 -10.06
CA VAL B 125 4.96 9.89 -9.85
C VAL B 125 4.75 8.66 -8.97
N GLN B 126 3.88 8.70 -7.97
CA GLN B 126 3.51 7.50 -7.17
C GLN B 126 2.93 6.41 -8.06
N LEU B 127 2.09 6.76 -9.03
CA LEU B 127 1.51 5.75 -9.96
C LEU B 127 2.63 5.15 -10.82
N VAL B 128 3.50 5.97 -11.37
CA VAL B 128 4.57 5.46 -12.27
C VAL B 128 5.50 4.54 -11.45
N GLN B 129 5.85 4.94 -10.24
CA GLN B 129 6.75 4.10 -9.38
C GLN B 129 6.08 2.78 -9.03
N LYS B 130 4.76 2.75 -8.74
CA LYS B 130 4.04 1.49 -8.47
C LYS B 130 4.17 0.53 -9.67
N TRP B 131 4.00 1.04 -10.89
CA TRP B 131 4.05 0.17 -12.08
C TRP B 131 5.50 -0.23 -12.38
N GLU B 132 6.46 0.65 -12.13
CA GLU B 132 7.90 0.33 -12.31
C GLU B 132 8.29 -0.82 -11.38
N ARG B 133 7.62 -0.95 -10.25
CA ARG B 133 7.97 -1.92 -9.19
C ARG B 133 7.19 -3.22 -9.33
N LEU B 134 6.39 -3.38 -10.37
CA LEU B 134 5.71 -4.68 -10.52
C LEU B 134 6.75 -5.71 -11.00
N ASN B 135 6.52 -6.95 -10.61
CA ASN B 135 7.33 -8.10 -11.08
C ASN B 135 6.86 -8.53 -12.48
N ALA B 136 7.74 -9.24 -13.21
CA ALA B 136 7.47 -9.73 -14.59
C ALA B 136 6.10 -10.43 -14.68
N ASP B 137 5.77 -11.23 -13.67
CA ASP B 137 4.55 -12.08 -13.64
C ASP B 137 3.25 -11.26 -13.42
N GLU B 138 3.29 -9.92 -13.39
CA GLU B 138 2.16 -9.18 -12.76
C GLU B 138 1.42 -8.34 -13.79
N HIS B 139 0.18 -7.97 -13.46
CA HIS B 139 -0.64 -7.06 -14.29
C HIS B 139 -1.14 -5.88 -13.47
N ILE B 140 -1.74 -4.93 -14.17
CA ILE B 140 -2.36 -3.69 -13.62
C ILE B 140 -3.88 -3.82 -13.64
N GLU B 141 -4.52 -3.52 -12.51
CA GLU B 141 -5.97 -3.35 -12.39
C GLU B 141 -6.26 -1.89 -12.72
N VAL B 142 -6.69 -1.60 -13.95
CA VAL B 142 -6.60 -0.23 -14.49
C VAL B 142 -7.54 0.73 -13.73
N PRO B 143 -8.87 0.50 -13.69
CA PRO B 143 -9.76 1.43 -12.99
C PRO B 143 -9.42 1.54 -11.50
N GLU B 144 -8.97 0.45 -10.88
CA GLU B 144 -8.56 0.49 -9.46
C GLU B 144 -7.40 1.46 -9.29
N ASP B 145 -6.35 1.37 -10.12
CA ASP B 145 -5.20 2.27 -9.96
C ASP B 145 -5.56 3.71 -10.37
N MET B 146 -6.40 3.89 -11.39
CA MET B 146 -6.75 5.27 -11.81
C MET B 146 -7.55 5.92 -10.69
N THR B 147 -8.38 5.17 -9.97
CA THR B 147 -9.18 5.73 -8.86
C THR B 147 -8.28 6.06 -7.66
N ARG B 148 -7.25 5.23 -7.39
CA ARG B 148 -6.25 5.58 -6.36
C ARG B 148 -5.66 6.94 -6.70
N LEU B 149 -5.27 7.13 -7.96
CA LEU B 149 -4.63 8.38 -8.40
C LEU B 149 -5.61 9.55 -8.30
N THR B 150 -6.80 9.48 -8.88
CA THR B 150 -7.66 10.68 -8.98
C THR B 150 -8.21 11.08 -7.61
N LEU B 151 -8.51 10.11 -6.75
CA LEU B 151 -8.90 10.45 -5.38
C LEU B 151 -7.74 11.16 -4.66
N ASP B 152 -6.52 10.61 -4.73
CA ASP B 152 -5.34 11.17 -4.05
C ASP B 152 -5.09 12.59 -4.57
N THR B 153 -5.28 12.82 -5.85
CA THR B 153 -4.98 14.13 -6.44
C THR B 153 -5.94 15.16 -5.85
N ILE B 154 -7.23 14.86 -5.84
CA ILE B 154 -8.23 15.87 -5.35
C ILE B 154 -8.08 16.03 -3.82
N GLY B 155 -7.67 14.99 -3.09
CA GLY B 155 -7.42 15.13 -1.66
C GLY B 155 -6.28 16.11 -1.40
N LEU B 156 -5.22 15.97 -2.16
CA LEU B 156 -4.00 16.80 -1.94
C LEU B 156 -4.29 18.24 -2.40
N CYS B 157 -4.85 18.44 -3.60
CA CYS B 157 -5.19 19.79 -4.16
C CYS B 157 -6.43 20.37 -3.48
N GLY B 158 -7.36 19.53 -3.05
CA GLY B 158 -8.58 19.95 -2.35
C GLY B 158 -8.27 20.55 -1.00
N PHE B 159 -7.64 19.79 -0.09
CA PHE B 159 -7.55 20.18 1.33
C PHE B 159 -6.22 19.70 1.94
N ASN B 160 -5.19 19.48 1.13
CA ASN B 160 -3.83 19.11 1.60
C ASN B 160 -3.88 17.85 2.46
N TYR B 161 -4.76 16.91 2.11
CA TYR B 161 -4.97 15.65 2.84
C TYR B 161 -4.43 14.52 1.95
N ARG B 162 -3.58 13.68 2.52
CA ARG B 162 -3.10 12.45 1.81
C ARG B 162 -3.98 11.24 2.14
N PHE B 163 -4.76 10.75 1.17
CA PHE B 163 -5.49 9.48 1.33
C PHE B 163 -4.48 8.28 1.29
N ASN B 164 -3.29 8.47 0.71
CA ASN B 164 -2.24 7.42 0.64
C ASN B 164 -2.86 6.13 0.05
N SER B 165 -3.63 6.28 -1.03
CA SER B 165 -4.29 5.14 -1.69
C SER B 165 -3.25 4.13 -2.19
N PHE B 166 -2.06 4.57 -2.61
CA PHE B 166 -1.06 3.60 -3.15
C PHE B 166 -0.41 2.82 -2.01
N TYR B 167 -0.76 3.08 -0.74
CA TYR B 167 -0.19 2.36 0.45
C TYR B 167 -1.19 1.33 0.99
N ARG B 168 -2.34 1.14 0.32
CA ARG B 168 -3.49 0.35 0.87
C ARG B 168 -4.07 -0.57 -0.19
N ASP B 169 -4.63 -1.70 0.23
CA ASP B 169 -5.54 -2.57 -0.57
C ASP B 169 -6.98 -2.12 -0.35
N GLN B 170 -7.31 -1.75 0.90
CA GLN B 170 -8.68 -1.42 1.39
C GLN B 170 -8.82 0.09 1.47
N PRO B 171 -9.90 0.70 0.90
CA PRO B 171 -10.01 2.15 0.87
C PRO B 171 -9.98 2.79 2.26
N HIS B 172 -9.54 4.04 2.31
CA HIS B 172 -9.73 4.95 3.47
C HIS B 172 -11.18 4.83 3.95
N PRO B 173 -11.47 4.87 5.28
CA PRO B 173 -12.83 4.77 5.81
C PRO B 173 -13.85 5.81 5.29
N PHE B 174 -13.42 7.05 5.07
CA PHE B 174 -14.24 8.09 4.39
C PHE B 174 -14.75 7.56 3.05
N ILE B 175 -13.86 6.88 2.31
CA ILE B 175 -14.11 6.45 0.90
C ILE B 175 -15.06 5.26 0.95
N THR B 176 -14.94 4.36 1.95
CA THR B 176 -15.88 3.22 2.06
C THR B 176 -17.29 3.78 2.27
N SER B 177 -17.50 4.76 3.15
CA SER B 177 -18.81 5.42 3.39
C SER B 177 -19.27 6.15 2.12
N MET B 178 -18.38 6.90 1.46
CA MET B 178 -18.79 7.67 0.26
C MET B 178 -19.21 6.71 -0.87
N VAL B 179 -18.47 5.61 -1.10
CA VAL B 179 -18.84 4.63 -2.17
C VAL B 179 -20.18 3.97 -1.80
N ARG B 180 -20.40 3.66 -0.51
CA ARG B 180 -21.65 2.96 -0.08
C ARG B 180 -22.84 3.92 -0.14
N ALA B 181 -22.63 5.21 0.17
CA ALA B 181 -23.69 6.24 0.05
C ALA B 181 -24.06 6.44 -1.42
N LEU B 182 -23.06 6.53 -2.30
CA LEU B 182 -23.30 6.66 -3.76
C LEU B 182 -24.09 5.44 -4.25
N ASP B 183 -23.75 4.24 -3.77
CA ASP B 183 -24.40 2.97 -4.20
C ASP B 183 -25.86 2.98 -3.75
N GLU B 184 -26.15 3.44 -2.52
CA GLU B 184 -27.55 3.52 -2.00
C GLU B 184 -28.32 4.59 -2.78
N ALA B 185 -27.73 5.76 -3.05
CA ALA B 185 -28.40 6.80 -3.86
C ALA B 185 -28.86 6.19 -5.19
N MET B 186 -27.96 5.54 -5.92
CA MET B 186 -28.26 5.07 -7.29
C MET B 186 -29.21 3.86 -7.20
N ASN B 187 -29.13 3.07 -6.14
CA ASN B 187 -30.01 1.86 -6.05
C ASN B 187 -31.45 2.30 -5.80
N LYS B 188 -31.66 3.32 -4.97
CA LYS B 188 -33.01 3.80 -4.57
C LYS B 188 -33.82 4.18 -5.82
N LEU B 189 -33.18 4.55 -6.92
CA LEU B 189 -33.90 4.93 -8.18
C LEU B 189 -34.77 3.80 -8.72
N GLN B 190 -34.35 2.55 -8.55
CA GLN B 190 -34.91 1.40 -9.33
C GLN B 190 -36.19 0.88 -8.65
N ARG B 191 -36.33 1.20 -7.37
CA ARG B 191 -37.36 0.64 -6.47
C ARG B 191 -38.75 1.15 -6.88
N ALA B 192 -39.57 0.24 -7.39
CA ALA B 192 -41.04 0.41 -7.59
C ALA B 192 -41.69 0.64 -6.22
N ASN B 193 -41.33 -0.18 -5.23
CA ASN B 193 -41.81 -0.06 -3.82
C ASN B 193 -40.62 0.24 -2.90
N PRO B 194 -40.27 1.54 -2.70
CA PRO B 194 -39.18 1.93 -1.80
C PRO B 194 -39.33 1.66 -0.29
N ASP B 195 -40.46 1.09 0.13
CA ASP B 195 -40.87 0.94 1.55
C ASP B 195 -40.82 -0.53 1.98
N ASP B 196 -40.95 -1.45 1.02
CA ASP B 196 -40.73 -2.91 1.19
C ASP B 196 -39.65 -3.09 2.25
N PRO B 197 -39.87 -3.90 3.32
CA PRO B 197 -38.87 -4.08 4.38
C PRO B 197 -37.46 -4.62 4.02
N ALA B 198 -37.28 -5.18 2.82
CA ALA B 198 -35.99 -5.72 2.31
C ALA B 198 -34.97 -4.59 2.11
N TYR B 199 -35.39 -3.32 2.31
CA TYR B 199 -34.59 -2.09 2.12
C TYR B 199 -34.33 -1.38 3.45
N ASP B 200 -34.82 -1.87 4.60
CA ASP B 200 -34.76 -1.11 5.88
C ASP B 200 -33.29 -0.93 6.31
N GLU B 201 -32.45 -1.98 6.24
CA GLU B 201 -31.06 -1.91 6.77
C GLU B 201 -30.24 -0.97 5.89
N ASN B 202 -30.42 -1.04 4.56
CA ASN B 202 -29.91 -0.07 3.56
C ASN B 202 -30.10 1.36 4.07
N LYS B 203 -31.36 1.78 4.30
CA LYS B 203 -31.71 3.15 4.80
C LYS B 203 -30.96 3.46 6.09
N ARG B 204 -30.70 2.47 6.96
CA ARG B 204 -30.10 2.73 8.30
C ARG B 204 -28.57 2.92 8.13
N GLN B 205 -27.97 2.20 7.18
CA GLN B 205 -26.52 2.27 6.82
C GLN B 205 -26.20 3.65 6.22
N PHE B 206 -27.07 4.14 5.34
CA PHE B 206 -26.99 5.46 4.69
C PHE B 206 -26.68 6.51 5.77
N GLN B 207 -27.36 6.50 6.91
CA GLN B 207 -27.23 7.57 7.96
C GLN B 207 -25.85 7.52 8.61
N GLU B 208 -25.32 6.32 8.93
CA GLU B 208 -23.94 6.14 9.50
C GLU B 208 -22.90 6.67 8.48
N ASP B 209 -23.12 6.40 7.20
CA ASP B 209 -22.23 6.86 6.10
C ASP B 209 -22.25 8.40 6.00
N ILE B 210 -23.43 9.03 5.98
CA ILE B 210 -23.55 10.52 5.98
C ILE B 210 -22.74 11.04 7.18
N LYS B 211 -23.06 10.57 8.39
CA LYS B 211 -22.39 11.00 9.65
C LYS B 211 -20.86 10.83 9.52
N VAL B 212 -20.35 9.72 8.97
CA VAL B 212 -18.87 9.46 8.82
C VAL B 212 -18.24 10.52 7.89
N MET B 213 -18.90 10.83 6.77
CA MET B 213 -18.32 11.76 5.77
C MET B 213 -18.26 13.14 6.41
N ASN B 214 -19.34 13.55 7.09
CA ASN B 214 -19.43 14.88 7.77
C ASN B 214 -18.38 15.02 8.86
N ASP B 215 -18.20 14.00 9.70
CA ASP B 215 -17.29 14.08 10.88
C ASP B 215 -15.85 14.29 10.40
N LEU B 216 -15.36 13.53 9.39
CA LEU B 216 -13.95 13.72 8.92
C LEU B 216 -13.77 15.11 8.31
N VAL B 217 -14.72 15.51 7.45
CA VAL B 217 -14.64 16.77 6.66
C VAL B 217 -14.77 17.94 7.64
N ASP B 218 -15.79 17.93 8.50
CA ASP B 218 -16.00 18.97 9.56
C ASP B 218 -14.72 19.06 10.42
N LYS B 219 -14.17 17.91 10.85
CA LYS B 219 -12.92 17.91 11.66
C LYS B 219 -11.77 18.52 10.85
N ILE B 220 -11.66 18.17 9.56
CA ILE B 220 -10.60 18.75 8.68
C ILE B 220 -10.74 20.28 8.64
N ILE B 221 -11.97 20.79 8.46
CA ILE B 221 -12.24 22.25 8.39
C ILE B 221 -11.84 22.88 9.75
N ALA B 222 -12.41 22.34 10.83
CA ALA B 222 -12.13 22.72 12.23
C ALA B 222 -10.61 22.77 12.44
N ASP B 223 -9.88 21.70 12.10
CA ASP B 223 -8.40 21.56 12.26
C ASP B 223 -7.67 22.68 11.52
N ARG B 224 -8.07 22.97 10.27
CA ARG B 224 -7.40 24.00 9.46
C ARG B 224 -7.63 25.39 10.08
N LYS B 225 -8.84 25.72 10.53
CA LYS B 225 -9.15 27.06 11.13
C LYS B 225 -8.30 27.29 12.40
N ALA B 226 -8.21 26.30 13.28
CA ALA B 226 -7.42 26.34 14.54
C ALA B 226 -5.93 26.60 14.26
N SER B 227 -5.30 25.85 13.34
CA SER B 227 -3.85 25.93 13.03
C SER B 227 -3.51 27.28 12.38
N GLY B 228 -4.47 27.89 11.69
CA GLY B 228 -4.32 29.15 10.92
C GLY B 228 -3.41 29.01 9.69
N GLU B 229 -3.01 27.80 9.29
CA GLU B 229 -2.03 27.69 8.17
C GLU B 229 -2.74 27.93 6.84
N GLN B 230 -2.01 28.53 5.91
CA GLN B 230 -2.49 29.01 4.59
C GLN B 230 -1.83 28.18 3.50
N SER B 231 -2.24 26.92 3.34
CA SER B 231 -1.85 26.05 2.21
C SER B 231 -2.49 26.62 0.93
N ASP B 232 -1.92 26.34 -0.25
CA ASP B 232 -2.57 26.74 -1.53
C ASP B 232 -3.42 25.56 -2.06
N ASP B 233 -4.51 25.31 -1.36
CA ASP B 233 -5.51 24.29 -1.72
C ASP B 233 -6.88 24.99 -1.78
N LEU B 234 -7.88 24.29 -2.28
CA LEU B 234 -9.25 24.83 -2.38
C LEU B 234 -9.79 25.21 -1.00
N LEU B 235 -9.47 24.44 0.05
CA LEU B 235 -9.99 24.73 1.41
C LEU B 235 -9.54 26.13 1.85
N THR B 236 -8.29 26.49 1.62
CA THR B 236 -7.79 27.86 1.96
C THR B 236 -8.59 28.92 1.19
N HIS B 237 -8.76 28.72 -0.12
N HIS B 237 -8.76 28.74 -0.12
CA HIS B 237 -9.50 29.67 -1.01
CA HIS B 237 -9.51 29.66 -1.00
C HIS B 237 -10.93 29.85 -0.46
C HIS B 237 -10.93 29.85 -0.44
N MET B 238 -11.58 28.78 0.01
CA MET B 238 -12.98 28.82 0.53
C MET B 238 -13.04 29.42 1.94
N LEU B 239 -12.04 29.24 2.79
CA LEU B 239 -12.07 29.89 4.13
C LEU B 239 -11.84 31.40 3.99
N ASN B 240 -11.09 31.85 3.00
CA ASN B 240 -10.67 33.27 2.88
C ASN B 240 -11.56 34.02 1.88
N GLY B 241 -12.19 33.30 0.95
CA GLY B 241 -12.81 33.92 -0.24
C GLY B 241 -14.10 34.63 0.10
N LYS B 242 -14.41 35.69 -0.61
CA LYS B 242 -15.66 36.44 -0.45
C LYS B 242 -16.30 36.51 -1.83
N ASP B 243 -17.60 36.27 -1.88
CA ASP B 243 -18.40 36.49 -3.10
C ASP B 243 -18.47 37.97 -3.38
N PRO B 244 -18.05 38.48 -4.57
CA PRO B 244 -18.21 39.90 -4.88
C PRO B 244 -19.63 40.45 -4.84
N GLU B 245 -20.63 39.63 -5.18
N GLU B 245 -20.64 39.63 -5.19
CA GLU B 245 -22.05 40.04 -5.25
CA GLU B 245 -22.06 40.04 -5.24
C GLU B 245 -22.58 40.29 -3.83
C GLU B 245 -22.57 40.29 -3.82
N THR B 246 -22.62 39.24 -3.01
CA THR B 246 -23.19 39.31 -1.62
C THR B 246 -22.17 39.94 -0.67
N GLY B 247 -20.86 39.84 -0.98
CA GLY B 247 -19.74 40.23 -0.10
C GLY B 247 -19.54 39.21 1.01
N GLU B 248 -20.24 38.07 0.98
CA GLU B 248 -20.17 37.07 2.08
C GLU B 248 -19.22 35.93 1.69
N PRO B 249 -18.57 35.31 2.69
CA PRO B 249 -17.88 34.04 2.51
C PRO B 249 -18.86 32.89 2.64
N LEU B 250 -18.42 31.71 2.18
CA LEU B 250 -19.14 30.44 2.43
C LEU B 250 -19.12 30.15 3.94
N ASP B 251 -20.22 29.66 4.48
CA ASP B 251 -20.27 29.16 5.89
C ASP B 251 -19.70 27.73 5.95
N ASP B 252 -19.35 27.26 7.15
CA ASP B 252 -18.55 26.01 7.31
C ASP B 252 -19.32 24.80 6.79
N GLU B 253 -20.63 24.79 6.92
CA GLU B 253 -21.51 23.69 6.46
C GLU B 253 -21.43 23.63 4.93
N ASN B 254 -21.49 24.77 4.27
CA ASN B 254 -21.49 24.75 2.79
C ASN B 254 -20.08 24.31 2.33
N ILE B 255 -19.01 24.72 3.02
CA ILE B 255 -17.62 24.31 2.67
C ILE B 255 -17.57 22.78 2.76
N ARG B 256 -18.15 22.22 3.81
CA ARG B 256 -18.19 20.74 3.94
C ARG B 256 -18.92 20.12 2.73
N TYR B 257 -20.06 20.66 2.31
CA TYR B 257 -20.75 20.12 1.11
C TYR B 257 -19.85 20.27 -0.13
N GLN B 258 -19.09 21.35 -0.25
CA GLN B 258 -18.22 21.53 -1.44
C GLN B 258 -17.12 20.47 -1.41
N ILE B 259 -16.49 20.23 -0.25
CA ILE B 259 -15.40 19.23 -0.16
C ILE B 259 -15.96 17.85 -0.50
N ILE B 260 -17.10 17.47 0.06
CA ILE B 260 -17.71 16.16 -0.29
C ILE B 260 -17.93 16.07 -1.82
N THR B 261 -18.47 17.13 -2.39
CA THR B 261 -18.76 17.22 -3.85
C THR B 261 -17.47 16.99 -4.65
N PHE B 262 -16.40 17.67 -4.27
CA PHE B 262 -15.11 17.55 -5.02
C PHE B 262 -14.54 16.15 -4.86
N LEU B 263 -14.72 15.51 -3.71
CA LEU B 263 -14.19 14.13 -3.49
C LEU B 263 -14.98 13.14 -4.34
N ILE B 264 -16.29 13.32 -4.45
CA ILE B 264 -17.14 12.46 -5.31
C ILE B 264 -16.60 12.56 -6.75
N ALA B 265 -16.42 13.79 -7.22
CA ALA B 265 -16.01 14.02 -8.63
C ALA B 265 -14.68 13.31 -8.94
N GLY B 266 -13.65 13.52 -8.10
CA GLY B 266 -12.31 12.96 -8.37
C GLY B 266 -12.35 11.44 -8.41
N HIS B 267 -12.96 10.83 -7.38
CA HIS B 267 -13.17 9.38 -7.30
C HIS B 267 -13.91 8.81 -8.53
N GLU B 268 -14.94 9.49 -9.03
CA GLU B 268 -15.88 8.88 -10.00
C GLU B 268 -15.47 9.20 -11.46
N THR B 269 -15.19 10.45 -11.83
CA THR B 269 -15.27 10.87 -13.26
C THR B 269 -13.91 10.81 -13.93
N THR B 270 -12.85 11.40 -13.36
CA THR B 270 -11.54 11.50 -14.04
C THR B 270 -10.97 10.09 -14.11
N SER B 271 -11.23 9.24 -13.11
CA SER B 271 -10.70 7.85 -13.12
C SER B 271 -11.34 7.08 -14.26
N GLY B 272 -12.63 7.29 -14.51
CA GLY B 272 -13.34 6.70 -15.65
C GLY B 272 -12.71 7.11 -16.99
N LEU B 273 -12.46 8.40 -17.14
CA LEU B 273 -11.83 8.93 -18.38
C LEU B 273 -10.49 8.24 -18.63
N LEU B 274 -9.62 8.17 -17.63
CA LEU B 274 -8.26 7.62 -17.83
C LEU B 274 -8.40 6.14 -18.18
N SER B 275 -9.32 5.44 -17.53
CA SER B 275 -9.55 4.01 -17.74
C SER B 275 -10.02 3.81 -19.19
N PHE B 276 -11.03 4.55 -19.62
CA PHE B 276 -11.52 4.45 -21.01
C PHE B 276 -10.42 4.82 -22.03
N ALA B 277 -9.67 5.88 -21.75
CA ALA B 277 -8.58 6.29 -22.67
C ALA B 277 -7.58 5.15 -22.84
N LEU B 278 -7.15 4.52 -21.75
CA LEU B 278 -6.15 3.45 -21.87
C LEU B 278 -6.79 2.26 -22.59
N TYR B 279 -8.06 1.98 -22.33
CA TYR B 279 -8.79 0.91 -23.07
C TYR B 279 -8.70 1.13 -24.58
N PHE B 280 -9.11 2.31 -25.03
CA PHE B 280 -9.08 2.66 -26.47
C PHE B 280 -7.65 2.64 -27.02
N LEU B 281 -6.65 3.07 -26.26
CA LEU B 281 -5.25 3.03 -26.78
C LEU B 281 -4.80 1.58 -26.99
N VAL B 282 -5.06 0.66 -26.05
CA VAL B 282 -4.55 -0.72 -26.25
C VAL B 282 -5.38 -1.38 -27.35
N LYS B 283 -6.58 -0.95 -27.62
CA LYS B 283 -7.41 -1.54 -28.71
C LYS B 283 -7.04 -0.97 -30.09
N ASN B 284 -6.25 0.12 -30.14
CA ASN B 284 -6.00 0.89 -31.37
C ASN B 284 -4.52 1.24 -31.42
N PRO B 285 -3.65 0.25 -31.69
CA PRO B 285 -2.20 0.46 -31.62
C PRO B 285 -1.67 1.62 -32.46
N HIS B 286 -2.22 1.94 -33.64
CA HIS B 286 -1.73 3.10 -34.45
C HIS B 286 -1.89 4.36 -33.59
N VAL B 287 -3.02 4.48 -32.89
CA VAL B 287 -3.27 5.69 -32.07
C VAL B 287 -2.27 5.69 -30.89
N LEU B 288 -2.09 4.55 -30.23
CA LEU B 288 -1.14 4.43 -29.08
C LEU B 288 0.24 4.89 -29.57
N GLN B 289 0.67 4.46 -30.75
CA GLN B 289 2.01 4.81 -31.26
C GLN B 289 2.09 6.35 -31.41
N LYS B 290 1.07 6.97 -31.99
CA LYS B 290 1.11 8.44 -32.23
C LYS B 290 1.11 9.18 -30.88
N ALA B 291 0.32 8.73 -29.92
CA ALA B 291 0.29 9.37 -28.58
C ALA B 291 1.63 9.16 -27.86
N ALA B 292 2.23 7.97 -27.91
CA ALA B 292 3.51 7.67 -27.22
C ALA B 292 4.65 8.48 -27.87
N GLU B 293 4.57 8.73 -29.17
CA GLU B 293 5.62 9.54 -29.87
C GLU B 293 5.56 10.96 -29.33
N GLU B 294 4.35 11.49 -29.12
CA GLU B 294 4.18 12.86 -28.61
C GLU B 294 4.70 12.94 -27.17
N ALA B 295 4.34 11.98 -26.30
CA ALA B 295 4.78 11.96 -24.89
C ALA B 295 6.29 11.91 -24.85
N ALA B 296 6.93 11.07 -25.66
CA ALA B 296 8.42 10.95 -25.68
C ALA B 296 9.07 12.26 -26.11
N ARG B 297 8.53 12.91 -27.11
CA ARG B 297 9.14 14.14 -27.70
C ARG B 297 8.96 15.30 -26.73
N VAL B 298 7.82 15.38 -26.07
CA VAL B 298 7.44 16.59 -25.30
C VAL B 298 7.97 16.51 -23.84
N LEU B 299 7.81 15.37 -23.17
CA LEU B 299 8.14 15.21 -21.72
C LEU B 299 9.63 14.83 -21.58
N VAL B 300 10.51 15.80 -21.85
CA VAL B 300 11.97 15.56 -21.97
C VAL B 300 12.66 15.57 -20.60
N ASP B 301 11.97 16.01 -19.52
CA ASP B 301 12.53 16.06 -18.16
C ASP B 301 11.92 14.98 -17.28
N PRO B 302 12.62 14.54 -16.22
CA PRO B 302 12.07 13.51 -15.34
C PRO B 302 10.78 13.92 -14.62
N VAL B 303 10.63 15.23 -14.36
CA VAL B 303 9.42 15.85 -13.73
C VAL B 303 8.74 16.70 -14.80
N PRO B 304 7.56 16.33 -15.34
CA PRO B 304 6.89 17.19 -16.31
C PRO B 304 6.54 18.55 -15.70
N SER B 305 6.68 19.58 -16.52
CA SER B 305 6.28 20.96 -16.21
C SER B 305 4.86 21.23 -16.71
N TYR B 306 4.23 22.27 -16.15
CA TYR B 306 2.91 22.74 -16.60
C TYR B 306 2.96 23.01 -18.11
N LYS B 307 4.01 23.70 -18.58
CA LYS B 307 4.13 24.14 -19.99
C LYS B 307 4.22 22.93 -20.91
N GLN B 308 4.89 21.88 -20.47
CA GLN B 308 5.03 20.64 -21.26
C GLN B 308 3.67 19.96 -21.37
N VAL B 309 2.92 19.87 -20.28
CA VAL B 309 1.60 19.18 -20.36
C VAL B 309 0.73 19.91 -21.37
N LYS B 310 0.79 21.25 -21.42
CA LYS B 310 -0.01 22.05 -22.40
C LYS B 310 0.38 21.73 -23.84
N GLN B 311 1.59 21.25 -24.13
CA GLN B 311 2.03 20.85 -25.49
C GLN B 311 1.55 19.45 -25.89
N LEU B 312 0.97 18.66 -24.96
CA LEU B 312 0.50 17.30 -25.33
C LEU B 312 -0.84 17.37 -26.09
N LYS B 313 -0.84 17.93 -27.29
CA LYS B 313 -2.08 18.15 -28.08
C LYS B 313 -2.75 16.81 -28.39
N TYR B 314 -2.01 15.83 -28.94
CA TYR B 314 -2.61 14.54 -29.37
C TYR B 314 -3.11 13.76 -28.15
N VAL B 315 -2.39 13.82 -27.04
CA VAL B 315 -2.91 13.17 -25.79
C VAL B 315 -4.26 13.81 -25.45
N GLY B 316 -4.38 15.13 -25.54
CA GLY B 316 -5.68 15.79 -25.33
C GLY B 316 -6.76 15.32 -26.31
N MET B 317 -6.41 15.06 -27.58
CA MET B 317 -7.37 14.56 -28.59
C MET B 317 -7.81 13.14 -28.22
N VAL B 318 -6.88 12.31 -27.71
CA VAL B 318 -7.21 10.93 -27.23
C VAL B 318 -8.24 11.07 -26.11
N LEU B 319 -8.02 11.95 -25.15
CA LEU B 319 -8.94 12.13 -24.02
C LEU B 319 -10.29 12.60 -24.54
N ASN B 320 -10.33 13.54 -25.47
CA ASN B 320 -11.63 14.00 -26.01
C ASN B 320 -12.36 12.88 -26.74
N GLU B 321 -11.62 12.05 -27.49
CA GLU B 321 -12.28 10.96 -28.24
C GLU B 321 -12.77 9.89 -27.27
N ALA B 322 -12.09 9.65 -26.13
CA ALA B 322 -12.63 8.76 -25.07
C ALA B 322 -13.89 9.36 -24.46
N LEU B 323 -13.88 10.65 -24.17
CA LEU B 323 -15.11 11.33 -23.68
C LEU B 323 -16.24 11.28 -24.71
N ARG B 324 -15.93 11.30 -26.00
CA ARG B 324 -16.99 11.22 -27.04
C ARG B 324 -17.71 9.87 -26.91
N LEU B 325 -16.96 8.77 -26.97
CA LEU B 325 -17.59 7.43 -26.95
C LEU B 325 -18.16 7.08 -25.58
N TRP B 326 -17.45 7.35 -24.49
CA TRP B 326 -17.92 6.99 -23.13
C TRP B 326 -17.77 8.17 -22.20
N PRO B 327 -18.67 9.17 -22.29
CA PRO B 327 -18.66 10.31 -21.36
C PRO B 327 -18.97 9.76 -19.97
N THR B 328 -18.03 9.92 -19.04
N THR B 328 -18.05 9.91 -19.03
CA THR B 328 -18.05 9.20 -17.75
CA THR B 328 -18.12 9.14 -17.76
C THR B 328 -19.20 9.72 -16.91
C THR B 328 -19.20 9.72 -16.86
N ALA B 329 -19.60 10.98 -17.06
CA ALA B 329 -20.83 11.50 -16.45
C ALA B 329 -21.88 11.51 -17.56
N PRO B 330 -22.75 10.47 -17.66
CA PRO B 330 -23.37 10.20 -18.95
C PRO B 330 -24.68 10.96 -19.26
N ALA B 331 -25.19 11.76 -18.32
CA ALA B 331 -26.44 12.47 -18.55
C ALA B 331 -26.47 13.72 -17.69
N PHE B 332 -27.30 14.67 -18.07
CA PHE B 332 -27.71 15.80 -17.20
C PHE B 332 -29.16 16.10 -17.54
N SER B 333 -29.83 16.79 -16.62
CA SER B 333 -31.28 17.02 -16.66
C SER B 333 -31.56 18.52 -16.73
N LEU B 334 -32.60 18.91 -17.46
CA LEU B 334 -33.05 20.30 -17.65
C LEU B 334 -34.54 20.40 -17.41
N TYR B 335 -35.01 21.61 -17.07
CA TYR B 335 -36.47 21.88 -17.00
C TYR B 335 -36.75 23.12 -17.84
N ALA B 336 -37.94 23.14 -18.46
CA ALA B 336 -38.44 24.28 -19.23
C ALA B 336 -38.82 25.42 -18.26
N LYS B 337 -38.18 26.57 -18.43
CA LYS B 337 -38.41 27.78 -17.59
C LYS B 337 -39.82 28.34 -17.86
N GLU B 338 -40.29 28.21 -19.09
CA GLU B 338 -41.64 28.65 -19.54
C GLU B 338 -42.16 27.65 -20.57
N ASP B 339 -43.44 27.73 -20.93
CA ASP B 339 -43.98 26.96 -22.07
C ASP B 339 -43.09 27.23 -23.28
N THR B 340 -42.81 26.21 -24.06
CA THR B 340 -41.96 26.39 -25.26
C THR B 340 -42.17 25.20 -26.18
N VAL B 341 -41.74 25.35 -27.43
CA VAL B 341 -41.88 24.26 -28.43
C VAL B 341 -40.46 23.76 -28.73
N LEU B 342 -40.21 22.47 -28.51
CA LEU B 342 -38.90 21.87 -28.82
C LEU B 342 -38.87 21.41 -30.28
N GLY B 343 -37.95 21.97 -31.06
CA GLY B 343 -37.65 21.53 -32.43
C GLY B 343 -38.83 21.71 -33.39
N GLY B 344 -39.71 22.68 -33.11
CA GLY B 344 -40.89 22.96 -33.95
C GLY B 344 -41.91 21.84 -33.88
N GLU B 345 -41.74 20.85 -33.00
CA GLU B 345 -42.55 19.61 -33.07
C GLU B 345 -43.12 19.19 -31.70
N TYR B 346 -42.47 19.50 -30.58
CA TYR B 346 -42.82 18.90 -29.27
C TYR B 346 -43.11 20.01 -28.26
N PRO B 347 -44.41 20.31 -28.00
CA PRO B 347 -44.80 21.38 -27.08
C PRO B 347 -44.42 20.93 -25.67
N LEU B 348 -43.77 21.82 -24.93
CA LEU B 348 -43.48 21.60 -23.51
C LEU B 348 -44.19 22.70 -22.71
N GLU B 349 -44.63 22.37 -21.53
CA GLU B 349 -45.13 23.35 -20.53
C GLU B 349 -43.99 23.67 -19.55
N LYS B 350 -44.02 24.89 -19.03
CA LYS B 350 -43.23 25.31 -17.84
C LYS B 350 -43.07 24.14 -16.88
N GLY B 351 -41.82 23.83 -16.49
CA GLY B 351 -41.49 22.80 -15.47
C GLY B 351 -41.26 21.42 -16.09
N ASP B 352 -41.64 21.20 -17.35
CA ASP B 352 -41.43 19.89 -18.02
C ASP B 352 -39.93 19.55 -18.03
N GLU B 353 -39.59 18.29 -17.74
CA GLU B 353 -38.17 17.85 -17.60
C GLU B 353 -37.64 17.18 -18.89
N LEU B 354 -36.34 17.37 -19.15
CA LEU B 354 -35.57 16.73 -20.26
C LEU B 354 -34.37 16.01 -19.62
N MET B 355 -33.97 14.88 -20.20
CA MET B 355 -32.68 14.22 -19.86
C MET B 355 -31.87 14.20 -21.15
N VAL B 356 -30.64 14.70 -21.07
CA VAL B 356 -29.70 14.66 -22.21
C VAL B 356 -28.88 13.37 -22.07
N LEU B 357 -28.97 12.48 -23.05
CA LEU B 357 -28.20 11.20 -23.04
C LEU B 357 -26.90 11.46 -23.78
N ILE B 358 -25.85 11.82 -23.04
CA ILE B 358 -24.62 12.34 -23.71
C ILE B 358 -24.03 11.27 -24.62
N PRO B 359 -23.98 9.97 -24.25
CA PRO B 359 -23.40 8.98 -25.16
C PRO B 359 -24.11 8.91 -26.51
N GLN B 360 -25.43 9.19 -26.54
CA GLN B 360 -26.18 9.15 -27.81
C GLN B 360 -25.91 10.41 -28.59
N LEU B 361 -25.87 11.56 -27.92
CA LEU B 361 -25.53 12.83 -28.57
C LEU B 361 -24.22 12.62 -29.34
N HIS B 362 -23.23 12.01 -28.70
CA HIS B 362 -21.87 11.79 -29.25
C HIS B 362 -21.86 10.73 -30.36
N ARG B 363 -23.00 10.08 -30.64
CA ARG B 363 -23.11 9.07 -31.72
C ARG B 363 -24.01 9.58 -32.85
N ASP B 364 -24.31 10.85 -32.87
CA ASP B 364 -25.25 11.44 -33.87
C ASP B 364 -24.52 11.42 -35.22
N LYS B 365 -24.89 10.51 -36.12
CA LYS B 365 -24.22 10.34 -37.43
C LYS B 365 -24.31 11.61 -38.27
N THR B 366 -25.32 12.44 -38.06
CA THR B 366 -25.52 13.68 -38.86
C THR B 366 -24.42 14.68 -38.49
N ILE B 367 -23.75 14.49 -37.36
CA ILE B 367 -22.62 15.36 -36.93
C ILE B 367 -21.29 14.67 -37.21
N TRP B 368 -21.13 13.42 -36.81
CA TRP B 368 -19.81 12.75 -36.70
C TRP B 368 -19.53 11.89 -37.93
N GLY B 369 -20.54 11.60 -38.76
CA GLY B 369 -20.38 10.77 -39.98
C GLY B 369 -20.65 9.32 -39.69
N ASP B 370 -20.45 8.42 -40.65
CA ASP B 370 -20.89 7.00 -40.51
C ASP B 370 -19.97 6.21 -39.58
N ASP B 371 -18.72 6.63 -39.39
CA ASP B 371 -17.69 5.91 -38.60
C ASP B 371 -17.83 6.19 -37.07
N VAL B 372 -19.03 6.49 -36.53
CA VAL B 372 -19.18 7.07 -35.15
C VAL B 372 -18.71 6.09 -34.08
N GLU B 373 -18.68 4.77 -34.31
CA GLU B 373 -18.23 3.81 -33.28
C GLU B 373 -16.70 3.66 -33.26
N GLU B 374 -16.00 4.25 -34.23
CA GLU B 374 -14.54 4.05 -34.36
C GLU B 374 -13.86 5.09 -33.48
N PHE B 375 -12.71 4.73 -32.94
CA PHE B 375 -11.94 5.59 -32.03
C PHE B 375 -10.89 6.29 -32.89
N ARG B 376 -11.11 7.58 -33.13
CA ARG B 376 -10.32 8.37 -34.07
C ARG B 376 -10.10 9.74 -33.47
N PRO B 377 -9.01 9.93 -32.69
CA PRO B 377 -8.70 11.21 -32.08
C PRO B 377 -8.54 12.33 -33.11
N GLU B 378 -8.23 11.96 -34.35
CA GLU B 378 -8.03 12.95 -35.44
C GLU B 378 -9.32 13.75 -35.65
N ARG B 379 -10.49 13.26 -35.20
CA ARG B 379 -11.76 14.02 -35.29
C ARG B 379 -11.59 15.36 -34.58
N PHE B 380 -10.69 15.45 -33.59
CA PHE B 380 -10.54 16.63 -32.71
C PHE B 380 -9.32 17.46 -33.13
N GLU B 381 -8.66 17.15 -34.26
CA GLU B 381 -7.43 17.88 -34.74
C GLU B 381 -7.74 19.36 -34.83
N ASN B 382 -8.96 19.69 -35.27
CA ASN B 382 -9.39 21.08 -35.54
C ASN B 382 -10.62 21.38 -34.70
N PRO B 383 -10.45 21.98 -33.51
CA PRO B 383 -11.55 22.23 -32.59
C PRO B 383 -12.71 23.02 -33.23
N SER B 384 -12.42 23.92 -34.15
CA SER B 384 -13.45 24.83 -34.73
C SER B 384 -14.43 24.04 -35.62
N ALA B 385 -14.06 22.84 -36.08
CA ALA B 385 -14.93 21.98 -36.91
C ALA B 385 -16.01 21.29 -36.08
N ILE B 386 -15.92 21.28 -34.76
CA ILE B 386 -16.99 20.67 -33.91
C ILE B 386 -18.13 21.66 -33.80
N PRO B 387 -19.35 21.37 -34.32
CA PRO B 387 -20.46 22.30 -34.15
C PRO B 387 -20.84 22.52 -32.68
N GLN B 388 -21.44 23.69 -32.39
CA GLN B 388 -21.81 24.06 -30.99
C GLN B 388 -22.81 23.00 -30.49
N HIS B 389 -22.60 22.52 -29.28
CA HIS B 389 -23.50 21.62 -28.52
C HIS B 389 -23.50 20.23 -29.14
N ALA B 390 -22.53 19.87 -29.98
CA ALA B 390 -22.39 18.49 -30.47
C ALA B 390 -21.62 17.64 -29.46
N PHE B 391 -20.80 18.28 -28.63
CA PHE B 391 -19.85 17.57 -27.74
C PHE B 391 -19.99 18.12 -26.35
N LYS B 392 -20.61 17.37 -25.44
CA LYS B 392 -20.99 17.95 -24.14
C LYS B 392 -20.63 17.07 -22.95
N PRO B 393 -19.41 16.53 -22.87
CA PRO B 393 -19.07 15.67 -21.75
C PRO B 393 -19.03 16.40 -20.40
N PHE B 394 -18.91 17.73 -20.43
CA PHE B 394 -18.81 18.57 -19.22
C PHE B 394 -20.10 19.36 -19.01
N GLY B 395 -21.21 18.94 -19.62
CA GLY B 395 -22.50 19.64 -19.43
C GLY B 395 -22.54 20.98 -20.15
N ASN B 396 -23.33 21.92 -19.65
CA ASN B 396 -23.76 23.08 -20.44
C ASN B 396 -23.77 24.38 -19.63
N GLY B 397 -23.23 25.43 -20.24
CA GLY B 397 -23.49 26.81 -19.79
C GLY B 397 -22.98 27.09 -18.39
N GLN B 398 -23.70 27.90 -17.63
CA GLN B 398 -23.22 28.33 -16.31
C GLN B 398 -23.17 27.14 -15.36
N ARG B 399 -23.91 26.06 -15.66
CA ARG B 399 -23.97 24.83 -14.82
C ARG B 399 -23.06 23.75 -15.41
N ALA B 400 -22.13 24.09 -16.29
CA ALA B 400 -21.15 23.13 -16.81
C ALA B 400 -20.17 22.78 -15.66
N CYS B 401 -19.40 21.74 -15.86
CA CYS B 401 -18.41 21.24 -14.89
C CYS B 401 -17.44 22.35 -14.48
N ILE B 402 -17.38 22.72 -13.21
CA ILE B 402 -16.35 23.72 -12.80
C ILE B 402 -14.95 23.07 -12.84
N GLY B 403 -14.88 21.73 -12.76
CA GLY B 403 -13.62 20.96 -12.64
C GLY B 403 -12.99 20.67 -13.98
N GLN B 404 -13.53 21.16 -15.08
CA GLN B 404 -13.13 20.67 -16.44
C GLN B 404 -11.61 20.84 -16.66
N GLN B 405 -11.09 22.01 -16.34
N GLN B 405 -11.07 22.02 -16.37
CA GLN B 405 -9.64 22.30 -16.56
CA GLN B 405 -9.63 22.33 -16.55
C GLN B 405 -8.78 21.43 -15.65
C GLN B 405 -8.80 21.40 -15.67
N PHE B 406 -9.25 21.20 -14.42
CA PHE B 406 -8.57 20.38 -13.42
C PHE B 406 -8.51 18.94 -13.94
N ALA B 407 -9.66 18.37 -14.29
CA ALA B 407 -9.74 17.00 -14.81
C ALA B 407 -8.81 16.81 -16.01
N LEU B 408 -8.90 17.69 -16.99
CA LEU B 408 -8.13 17.50 -18.24
C LEU B 408 -6.64 17.72 -17.99
N HIS B 409 -6.27 18.63 -17.09
CA HIS B 409 -4.81 18.82 -16.81
C HIS B 409 -4.27 17.54 -16.18
N GLU B 410 -4.98 17.06 -15.17
CA GLU B 410 -4.60 15.82 -14.45
C GLU B 410 -4.52 14.65 -15.46
N ALA B 411 -5.57 14.44 -16.26
CA ALA B 411 -5.66 13.28 -17.16
C ALA B 411 -4.54 13.37 -18.21
N THR B 412 -4.29 14.57 -18.72
CA THR B 412 -3.24 14.75 -19.75
C THR B 412 -1.85 14.49 -19.15
N LEU B 413 -1.56 15.02 -17.96
CA LEU B 413 -0.26 14.80 -17.25
C LEU B 413 -0.03 13.30 -17.08
N VAL B 414 -1.03 12.60 -16.54
CA VAL B 414 -0.91 11.18 -16.15
C VAL B 414 -0.80 10.31 -17.38
N LEU B 415 -1.66 10.52 -18.37
CA LEU B 415 -1.61 9.67 -19.58
C LEU B 415 -0.29 9.95 -20.28
N GLY B 416 0.15 11.20 -20.31
CA GLY B 416 1.46 11.54 -20.89
C GLY B 416 2.59 10.75 -20.21
N MET B 417 2.60 10.75 -18.89
CA MET B 417 3.65 10.04 -18.13
C MET B 417 3.52 8.54 -18.38
N MET B 418 2.29 7.99 -18.40
CA MET B 418 2.10 6.55 -18.65
C MET B 418 2.70 6.18 -20.02
N LEU B 419 2.42 6.98 -21.06
CA LEU B 419 2.87 6.67 -22.43
C LEU B 419 4.38 6.88 -22.56
N LYS B 420 4.94 7.81 -21.79
CA LYS B 420 6.41 8.02 -21.78
C LYS B 420 7.12 6.79 -21.19
N HIS B 421 6.59 6.24 -20.11
CA HIS B 421 7.36 5.34 -19.21
C HIS B 421 7.15 3.86 -19.54
N PHE B 422 6.07 3.49 -20.22
CA PHE B 422 5.68 2.08 -20.43
C PHE B 422 5.16 1.82 -21.83
N ASP B 423 5.41 0.59 -22.30
CA ASP B 423 4.61 -0.05 -23.36
C ASP B 423 3.50 -0.87 -22.69
N PHE B 424 2.37 -1.00 -23.35
CA PHE B 424 1.17 -1.64 -22.77
C PHE B 424 0.71 -2.81 -23.63
N GLU B 425 0.29 -3.87 -22.97
CA GLU B 425 -0.22 -5.09 -23.61
C GLU B 425 -1.63 -5.38 -23.08
N ASP B 426 -2.56 -5.59 -24.00
CA ASP B 426 -3.93 -6.11 -23.70
C ASP B 426 -3.83 -7.65 -23.62
N HIS B 427 -3.24 -8.18 -22.56
CA HIS B 427 -2.77 -9.57 -22.50
C HIS B 427 -3.95 -10.53 -22.40
N THR B 428 -5.12 -10.10 -21.92
CA THR B 428 -6.34 -10.94 -21.81
C THR B 428 -7.29 -10.76 -22.99
N ASN B 429 -7.01 -9.89 -23.99
CA ASN B 429 -8.02 -9.50 -25.02
C ASN B 429 -9.33 -9.09 -24.33
N TYR B 430 -9.25 -8.08 -23.50
CA TYR B 430 -10.30 -7.63 -22.58
C TYR B 430 -11.57 -7.27 -23.35
N GLU B 431 -12.69 -7.82 -22.90
CA GLU B 431 -14.02 -7.54 -23.46
C GLU B 431 -14.63 -6.41 -22.64
N LEU B 432 -14.92 -5.28 -23.26
CA LEU B 432 -15.39 -4.09 -22.50
C LEU B 432 -16.66 -4.45 -21.74
N ASP B 433 -16.66 -4.13 -20.45
CA ASP B 433 -17.79 -4.38 -19.53
C ASP B 433 -17.93 -3.10 -18.72
N ILE B 434 -18.96 -2.33 -18.97
CA ILE B 434 -19.02 -0.96 -18.38
C ILE B 434 -19.87 -1.03 -17.13
N LYS B 435 -19.23 -0.78 -15.98
CA LYS B 435 -19.96 -0.73 -14.68
C LYS B 435 -20.58 0.66 -14.52
N GLU B 436 -21.79 0.72 -13.98
CA GLU B 436 -22.49 2.01 -13.76
C GLU B 436 -22.66 2.26 -12.26
N THR B 437 -22.18 3.40 -11.81
CA THR B 437 -22.33 3.90 -10.40
C THR B 437 -23.01 5.25 -10.54
N LEU B 438 -22.44 6.32 -9.98
CA LEU B 438 -22.82 7.68 -10.44
C LEU B 438 -22.42 7.81 -11.91
N THR B 439 -21.36 7.13 -12.28
CA THR B 439 -20.60 7.36 -13.52
C THR B 439 -20.40 6.01 -14.22
N LEU B 440 -19.71 6.06 -15.35
CA LEU B 440 -19.38 4.84 -16.12
C LEU B 440 -17.89 4.55 -15.96
N LYS B 441 -17.53 3.28 -15.82
CA LYS B 441 -16.11 2.86 -15.79
C LYS B 441 -16.00 1.48 -16.39
N PRO B 442 -14.84 1.09 -16.96
N PRO B 442 -14.92 1.18 -17.13
CA PRO B 442 -14.65 -0.26 -17.53
CA PRO B 442 -14.61 -0.22 -17.42
C PRO B 442 -14.16 -1.36 -16.56
C PRO B 442 -14.50 -0.94 -16.07
N GLU B 443 -15.10 -2.14 -16.02
CA GLU B 443 -14.88 -3.09 -14.92
C GLU B 443 -14.00 -4.26 -15.38
N GLY B 444 -13.03 -4.64 -14.56
CA GLY B 444 -12.20 -5.83 -14.83
C GLY B 444 -11.14 -5.56 -15.89
N PHE B 445 -10.96 -4.31 -16.33
CA PHE B 445 -9.95 -3.98 -17.36
C PHE B 445 -8.56 -4.10 -16.72
N VAL B 446 -7.71 -4.93 -17.32
CA VAL B 446 -6.36 -5.28 -16.84
C VAL B 446 -5.44 -5.21 -18.06
N VAL B 447 -4.19 -4.81 -17.83
CA VAL B 447 -3.12 -4.70 -18.85
C VAL B 447 -1.81 -5.16 -18.21
N LYS B 448 -0.80 -5.40 -19.03
CA LYS B 448 0.59 -5.57 -18.58
C LYS B 448 1.35 -4.37 -19.13
N ALA B 449 2.23 -3.84 -18.31
CA ALA B 449 3.11 -2.72 -18.70
C ALA B 449 4.53 -3.27 -18.77
N LYS B 450 5.27 -2.81 -19.75
CA LYS B 450 6.70 -3.12 -19.89
C LYS B 450 7.42 -1.79 -19.83
N SER B 451 8.27 -1.64 -18.86
CA SER B 451 8.94 -0.37 -18.54
C SER B 451 9.87 -0.05 -19.71
N LYS B 452 9.87 1.19 -20.16
CA LYS B 452 10.90 1.69 -21.11
C LYS B 452 12.19 2.04 -20.37
N LYS B 453 12.23 1.88 -19.04
CA LYS B 453 13.41 2.10 -18.15
C LYS B 453 13.92 3.51 -18.34
N ILE B 454 13.02 4.48 -18.29
CA ILE B 454 13.37 5.92 -18.31
C ILE B 454 13.27 6.44 -16.88
N PRO B 455 14.37 6.99 -16.33
CA PRO B 455 14.42 7.42 -14.94
C PRO B 455 13.41 8.55 -14.65
N LEU B 456 12.87 8.58 -13.42
CA LEU B 456 12.17 9.74 -12.82
C LEU B 456 13.19 10.61 -12.06
#